data_4JAG
#
_entry.id   4JAG
#
_cell.length_a   165.152
_cell.length_b   165.152
_cell.length_c   158.841
_cell.angle_alpha   90.00
_cell.angle_beta   90.00
_cell.angle_gamma   120.00
#
_symmetry.space_group_name_H-M   'H 3'
#
loop_
_entity.id
_entity.type
_entity.pdbx_description
1 polymer 'Citrate synthase'
2 non-polymer 'OXALOACETATE ION'
3 non-polymer 'SULFATE ION'
4 water water
#
_entity_poly.entity_id   1
_entity_poly.type   'polypeptide(L)'
_entity_poly.pdbx_seq_one_letter_code
;ADTKAKLTLDGDTAVELDVLKGTLGQDVIDIRTLGSKGVFTFDPGFTSTTSCESKITFIDGDEGILLHRGFPIDQLATDS
NYLEVCYILLNGEKPTQEQYDEFKTTVTRHTMIHEQITRLFHAFRRDSHPMAVMCGITGALAAFYHDSLDVNNPRHREIA
AFRLLSKMPTMAAMCYKYSIGQPFVYPRNDLSYAGNFLNMMFSTPCEPYEVNPILERAMDRILILHADHEQNASTSTVRT
AGSSGANPFACIAAGIASLWGPAHGGANEAALKMLEEIGKKENIPEFVRRAKDKNDSFRLMGFGHRVYKNYDPRATVMRE
TCHEVLKELGTKDDLLEVAMELENIALNDPYFIEKKLYPNVDFYSGIILKAMGIPSSMFTVIFAMARTVGWIAHWSEMHS
DGMKIARPRQLYTGYEKRDFKSDIKR
;
_entity_poly.pdbx_strand_id   A,B
#
loop_
_chem_comp.id
_chem_comp.type
_chem_comp.name
_chem_comp.formula
OAA non-polymer 'OXALOACETATE ION' 'C4 H3 O5 -1'
SO4 non-polymer 'SULFATE ION' 'O4 S -2'
#
# COMPACT_ATOMS: atom_id res chain seq x y z
N ALA A 1 16.66 15.20 -29.95
CA ALA A 1 17.48 15.76 -28.84
C ALA A 1 17.57 17.29 -28.93
N ASP A 2 16.86 17.85 -29.91
CA ASP A 2 16.86 19.29 -30.15
C ASP A 2 16.17 20.15 -29.08
N THR A 3 14.86 20.32 -29.20
CA THR A 3 14.09 21.13 -28.27
C THR A 3 14.36 20.78 -26.80
N LYS A 4 15.16 19.73 -26.58
CA LYS A 4 15.51 19.32 -25.23
C LYS A 4 16.24 20.46 -24.53
N ALA A 5 16.61 21.47 -25.31
CA ALA A 5 17.31 22.63 -24.78
C ALA A 5 16.60 23.17 -23.55
N LYS A 6 15.40 23.69 -23.76
CA LYS A 6 14.60 24.24 -22.67
C LYS A 6 13.24 24.68 -23.17
N LEU A 7 12.51 25.37 -22.32
CA LEU A 7 11.19 25.90 -22.64
C LEU A 7 10.66 26.63 -21.41
N THR A 8 9.64 27.46 -21.59
CA THR A 8 9.10 28.22 -20.47
C THR A 8 7.59 28.21 -20.31
N LEU A 9 7.15 28.71 -19.16
CA LEU A 9 5.74 28.78 -18.80
C LEU A 9 5.46 30.13 -18.16
N ASP A 10 4.23 30.61 -18.28
CA ASP A 10 3.86 31.89 -17.69
C ASP A 10 2.38 32.25 -17.76
N GLY A 11 1.81 32.60 -16.61
CA GLY A 11 0.43 32.99 -16.54
C GLY A 11 0.35 34.43 -16.07
N ASP A 12 1.31 34.79 -15.21
CA ASP A 12 1.44 36.14 -14.67
C ASP A 12 2.91 36.53 -14.58
N THR A 13 3.80 35.53 -14.66
CA THR A 13 5.24 35.75 -14.60
C THR A 13 5.99 34.70 -15.41
N ALA A 14 7.24 35.00 -15.75
CA ALA A 14 8.08 34.11 -16.57
C ALA A 14 8.90 33.07 -15.79
N VAL A 15 8.76 31.80 -16.20
CA VAL A 15 9.46 30.67 -15.59
C VAL A 15 10.14 29.83 -16.67
N GLU A 16 11.44 29.62 -16.53
CA GLU A 16 12.21 28.82 -17.49
C GLU A 16 12.37 27.38 -16.99
N LEU A 17 11.86 26.42 -17.77
CA LEU A 17 11.92 25.02 -17.39
C LEU A 17 12.71 24.19 -18.40
N ASP A 18 13.61 23.33 -17.89
CA ASP A 18 14.43 22.48 -18.74
C ASP A 18 13.65 21.31 -19.34
N VAL A 19 14.20 20.75 -20.42
CA VAL A 19 13.59 19.60 -21.07
C VAL A 19 14.55 18.42 -20.98
N LEU A 20 14.27 17.52 -20.04
CA LEU A 20 15.10 16.34 -19.82
C LEU A 20 14.76 15.25 -20.83
N LYS A 21 15.69 14.34 -21.04
CA LYS A 21 15.52 13.25 -21.98
C LYS A 21 16.03 11.94 -21.40
N GLY A 22 15.42 10.83 -21.81
CA GLY A 22 15.85 9.54 -21.31
C GLY A 22 16.77 8.85 -22.30
N THR A 23 17.29 7.69 -21.94
CA THR A 23 18.16 6.94 -22.84
C THR A 23 17.28 6.30 -23.90
N LEU A 24 15.99 6.21 -23.59
CA LEU A 24 14.96 5.67 -24.48
C LEU A 24 13.68 6.36 -24.05
N GLY A 25 12.71 6.46 -24.95
CA GLY A 25 11.47 7.13 -24.61
C GLY A 25 11.54 8.63 -24.77
N GLN A 26 10.38 9.28 -24.77
CA GLN A 26 10.29 10.74 -24.95
C GLN A 26 10.83 11.60 -23.82
N ASP A 27 10.96 12.91 -24.11
CA ASP A 27 11.49 13.88 -23.15
C ASP A 27 10.47 14.21 -22.07
N VAL A 28 10.92 14.91 -21.04
CA VAL A 28 10.07 15.35 -19.94
C VAL A 28 10.47 16.77 -19.59
N ILE A 29 9.51 17.54 -19.12
CA ILE A 29 9.76 18.92 -18.74
C ILE A 29 9.92 19.04 -17.23
N ASP A 30 11.16 19.16 -16.78
CA ASP A 30 11.45 19.29 -15.37
C ASP A 30 10.74 20.48 -14.77
N ILE A 31 9.67 20.23 -14.02
CA ILE A 31 8.92 21.30 -13.39
C ILE A 31 9.25 21.31 -11.90
N ARG A 32 10.37 20.68 -11.56
CA ARG A 32 10.82 20.59 -10.17
C ARG A 32 11.05 21.95 -9.49
N THR A 33 10.71 23.04 -10.18
CA THR A 33 10.87 24.38 -9.62
C THR A 33 9.57 25.16 -9.54
N LEU A 34 8.63 24.87 -10.44
CA LEU A 34 7.35 25.56 -10.46
C LEU A 34 6.69 25.57 -9.08
N GLY A 35 6.96 24.54 -8.30
CA GLY A 35 6.39 24.44 -6.98
C GLY A 35 6.71 25.66 -6.15
N SER A 36 8.01 25.91 -5.99
CA SER A 36 8.48 27.06 -5.21
C SER A 36 7.87 28.34 -5.78
N LYS A 37 8.04 28.55 -7.09
CA LYS A 37 7.49 29.73 -7.75
C LYS A 37 6.06 29.96 -7.25
N GLY A 38 5.34 28.88 -7.00
CA GLY A 38 3.98 28.99 -6.53
C GLY A 38 3.01 28.53 -7.59
N VAL A 39 3.50 27.66 -8.47
CA VAL A 39 2.68 27.11 -9.55
C VAL A 39 2.49 25.61 -9.36
N PHE A 40 1.25 25.14 -9.52
CA PHE A 40 0.94 23.72 -9.36
C PHE A 40 0.06 23.19 -10.49
N THR A 41 0.44 22.05 -11.04
CA THR A 41 -0.31 21.42 -12.11
C THR A 41 -1.46 20.59 -11.53
N PHE A 42 -2.36 20.11 -12.38
CA PHE A 42 -3.48 19.29 -11.96
C PHE A 42 -3.54 18.04 -12.85
N ASP A 43 -3.11 16.91 -12.32
CA ASP A 43 -3.07 15.67 -13.08
C ASP A 43 -3.57 14.46 -12.30
N PRO A 44 -4.90 14.33 -12.11
CA PRO A 44 -5.44 13.19 -11.37
C PRO A 44 -5.06 11.87 -12.04
N GLY A 45 -4.20 11.08 -11.37
CA GLY A 45 -3.78 9.81 -11.93
C GLY A 45 -2.33 9.75 -12.39
N PHE A 46 -1.69 10.93 -12.52
CA PHE A 46 -0.29 11.03 -12.94
C PHE A 46 -0.07 10.49 -14.37
N THR A 47 -1.05 10.76 -15.23
CA THR A 47 -1.00 10.30 -16.61
C THR A 47 -0.02 11.12 -17.47
N SER A 48 0.03 12.42 -17.23
CA SER A 48 0.90 13.32 -17.98
C SER A 48 2.05 13.83 -17.13
N THR A 49 2.30 13.12 -16.03
CA THR A 49 3.34 13.45 -15.08
C THR A 49 4.27 12.26 -14.89
N THR A 50 5.58 12.54 -14.84
CA THR A 50 6.58 11.47 -14.69
C THR A 50 6.98 11.52 -13.20
N SER A 51 6.71 10.43 -12.47
CA SER A 51 7.02 10.37 -11.04
C SER A 51 8.42 9.90 -10.64
N CYS A 52 9.23 9.46 -11.60
CA CYS A 52 10.55 9.00 -11.22
C CYS A 52 11.46 8.72 -12.39
N GLU A 53 12.72 8.50 -12.07
CA GLU A 53 13.71 8.13 -13.06
C GLU A 53 14.01 6.68 -12.71
N SER A 54 14.11 5.81 -13.71
CA SER A 54 14.39 4.41 -13.46
C SER A 54 15.39 3.86 -14.47
N LYS A 55 16.16 2.87 -14.05
CA LYS A 55 17.15 2.22 -14.91
C LYS A 55 16.87 0.72 -14.96
N ILE A 56 15.72 0.30 -14.41
CA ILE A 56 15.37 -1.12 -14.35
C ILE A 56 14.76 -1.73 -15.61
N THR A 57 13.55 -1.30 -15.95
CA THR A 57 12.82 -1.83 -17.10
C THR A 57 12.36 -0.75 -18.07
N PHE A 58 12.43 -1.05 -19.37
CA PHE A 58 11.97 -0.11 -20.38
C PHE A 58 10.88 -0.76 -21.23
N ILE A 59 9.80 -0.04 -21.43
CA ILE A 59 8.69 -0.53 -22.22
C ILE A 59 8.26 0.47 -23.30
N ASP A 60 8.17 0.00 -24.55
CA ASP A 60 7.68 0.83 -25.65
C ASP A 60 6.45 0.02 -26.09
N GLY A 61 5.30 0.38 -25.54
CA GLY A 61 4.05 -0.33 -25.81
C GLY A 61 3.60 -0.39 -27.24
N ASP A 62 3.60 0.76 -27.91
CA ASP A 62 3.18 0.83 -29.30
C ASP A 62 4.01 -0.08 -30.18
N GLU A 63 5.26 -0.32 -29.78
CA GLU A 63 6.16 -1.17 -30.54
C GLU A 63 6.37 -2.56 -29.95
N GLY A 64 5.61 -2.89 -28.91
CA GLY A 64 5.70 -4.20 -28.27
C GLY A 64 7.09 -4.57 -27.75
N ILE A 65 7.81 -3.58 -27.21
CA ILE A 65 9.15 -3.80 -26.67
C ILE A 65 9.22 -3.81 -25.13
N LEU A 66 9.95 -4.79 -24.59
CA LEU A 66 10.15 -4.93 -23.15
C LEU A 66 11.59 -5.30 -22.84
N LEU A 67 12.29 -4.42 -22.11
CA LEU A 67 13.67 -4.66 -21.74
C LEU A 67 13.87 -4.61 -20.21
N HIS A 68 14.72 -5.51 -19.70
CA HIS A 68 15.06 -5.54 -18.29
C HIS A 68 16.57 -5.32 -18.28
N ARG A 69 17.00 -4.14 -17.81
CA ARG A 69 18.40 -3.75 -17.78
C ARG A 69 18.95 -3.81 -19.22
N GLY A 70 18.17 -3.32 -20.17
CA GLY A 70 18.59 -3.32 -21.56
C GLY A 70 18.36 -4.63 -22.29
N PHE A 71 18.43 -5.75 -21.56
CA PHE A 71 18.25 -7.08 -22.14
C PHE A 71 16.82 -7.36 -22.55
N PRO A 72 16.58 -7.69 -23.83
CA PRO A 72 15.24 -8.00 -24.36
C PRO A 72 14.61 -9.18 -23.63
N ILE A 73 13.33 -9.07 -23.32
CA ILE A 73 12.62 -10.13 -22.60
C ILE A 73 12.67 -11.52 -23.28
N ASP A 74 12.73 -11.54 -24.61
CA ASP A 74 12.76 -12.81 -25.35
C ASP A 74 14.03 -13.64 -25.08
N GLN A 75 15.18 -12.99 -25.11
CA GLN A 75 16.45 -13.66 -24.86
C GLN A 75 16.54 -14.21 -23.44
N LEU A 76 16.16 -13.39 -22.47
CA LEU A 76 16.18 -13.80 -21.08
C LEU A 76 15.31 -15.02 -20.87
N ALA A 77 14.15 -15.02 -21.53
CA ALA A 77 13.19 -16.11 -21.42
C ALA A 77 13.76 -17.44 -21.85
N THR A 78 14.35 -17.45 -23.04
CA THR A 78 14.91 -18.68 -23.59
C THR A 78 16.34 -18.94 -23.17
N ASP A 79 17.12 -17.89 -22.96
CA ASP A 79 18.53 -18.04 -22.60
C ASP A 79 18.93 -17.99 -21.13
N SER A 80 18.13 -17.32 -20.30
CA SER A 80 18.47 -17.20 -18.89
C SER A 80 17.57 -18.11 -18.04
N ASN A 81 17.70 -17.98 -16.72
CA ASN A 81 16.88 -18.75 -15.79
C ASN A 81 16.39 -17.73 -14.77
N TYR A 82 15.27 -18.01 -14.11
CA TYR A 82 14.71 -17.06 -13.16
C TYR A 82 15.69 -16.46 -12.16
N LEU A 83 16.50 -17.30 -11.53
CA LEU A 83 17.44 -16.78 -10.55
C LEU A 83 18.41 -15.78 -11.19
N GLU A 84 18.91 -16.10 -12.38
CA GLU A 84 19.84 -15.20 -13.05
C GLU A 84 19.13 -13.90 -13.41
N VAL A 85 17.86 -14.00 -13.83
CA VAL A 85 17.08 -12.82 -14.17
C VAL A 85 16.88 -11.98 -12.90
N CYS A 86 16.75 -12.66 -11.76
CA CYS A 86 16.60 -11.95 -10.48
C CYS A 86 17.87 -11.13 -10.24
N TYR A 87 19.02 -11.78 -10.37
CA TYR A 87 20.29 -11.10 -10.16
C TYR A 87 20.39 -9.86 -11.05
N ILE A 88 20.13 -10.05 -12.34
CA ILE A 88 20.19 -8.97 -13.30
C ILE A 88 19.25 -7.82 -12.93
N LEU A 89 18.03 -8.16 -12.56
CA LEU A 89 17.05 -7.15 -12.18
C LEU A 89 17.52 -6.35 -10.96
N LEU A 90 18.04 -7.06 -9.96
CA LEU A 90 18.50 -6.41 -8.73
C LEU A 90 19.88 -5.75 -8.80
N ASN A 91 20.76 -6.28 -9.65
CA ASN A 91 22.11 -5.72 -9.74
C ASN A 91 22.38 -4.82 -10.96
N GLY A 92 21.75 -5.11 -12.08
CA GLY A 92 21.95 -4.29 -13.26
C GLY A 92 22.88 -4.89 -14.30
N GLU A 93 23.43 -6.07 -14.01
CA GLU A 93 24.33 -6.73 -14.95
C GLU A 93 24.24 -8.24 -14.82
N LYS A 94 24.54 -8.94 -15.92
CA LYS A 94 24.53 -10.39 -15.92
C LYS A 94 25.58 -10.77 -14.89
N PRO A 95 25.36 -11.85 -14.13
CA PRO A 95 26.33 -12.25 -13.12
C PRO A 95 27.49 -13.12 -13.59
N THR A 96 28.67 -12.89 -13.03
CA THR A 96 29.82 -13.73 -13.38
C THR A 96 29.44 -15.06 -12.74
N GLN A 97 30.22 -16.11 -12.99
CA GLN A 97 29.91 -17.40 -12.39
C GLN A 97 29.97 -17.30 -10.87
N GLU A 98 31.09 -16.80 -10.36
CA GLU A 98 31.28 -16.67 -8.91
C GLU A 98 30.18 -15.83 -8.26
N GLN A 99 29.78 -14.77 -8.95
CA GLN A 99 28.72 -13.90 -8.44
C GLN A 99 27.38 -14.61 -8.37
N TYR A 100 27.05 -15.37 -9.40
CA TYR A 100 25.80 -16.09 -9.42
C TYR A 100 25.85 -17.24 -8.41
N ASP A 101 27.04 -17.82 -8.22
CA ASP A 101 27.18 -18.92 -7.26
C ASP A 101 26.80 -18.46 -5.85
N GLU A 102 27.32 -17.31 -5.45
CA GLU A 102 27.04 -16.77 -4.14
C GLU A 102 25.58 -16.34 -4.02
N PHE A 103 25.06 -15.66 -5.05
CA PHE A 103 23.68 -15.21 -5.06
C PHE A 103 22.74 -16.41 -4.81
N LYS A 104 23.01 -17.52 -5.49
CA LYS A 104 22.22 -18.74 -5.37
C LYS A 104 22.39 -19.42 -4.00
N THR A 105 23.58 -19.33 -3.42
CA THR A 105 23.81 -19.94 -2.12
C THR A 105 23.05 -19.18 -1.05
N THR A 106 23.13 -17.85 -1.09
CA THR A 106 22.44 -17.02 -0.13
C THR A 106 20.94 -17.30 -0.18
N VAL A 107 20.37 -17.30 -1.38
CA VAL A 107 18.95 -17.56 -1.56
C VAL A 107 18.55 -18.91 -0.98
N THR A 108 19.26 -19.95 -1.40
CA THR A 108 19.01 -21.31 -0.95
C THR A 108 19.16 -21.40 0.55
N ARG A 109 19.95 -20.50 1.09
CA ARG A 109 20.23 -20.48 2.52
C ARG A 109 19.03 -20.18 3.42
N HIS A 110 18.10 -19.36 2.97
CA HIS A 110 16.97 -19.00 3.83
C HIS A 110 15.57 -19.18 3.26
N THR A 111 15.33 -20.29 2.60
CA THR A 111 14.04 -20.57 2.01
C THR A 111 12.99 -20.99 3.04
N MET A 112 13.44 -21.55 4.15
CA MET A 112 12.52 -22.00 5.19
C MET A 112 11.89 -20.82 5.91
N ILE A 113 10.64 -20.97 6.34
CA ILE A 113 10.01 -19.90 7.10
C ILE A 113 9.86 -20.36 8.57
N HIS A 114 10.12 -19.44 9.50
CA HIS A 114 10.04 -19.71 10.94
C HIS A 114 8.81 -20.55 11.23
N GLU A 115 9.00 -21.65 11.94
CA GLU A 115 7.90 -22.53 12.30
C GLU A 115 6.66 -21.81 12.89
N GLN A 116 6.86 -20.69 13.56
CA GLN A 116 5.74 -19.96 14.15
C GLN A 116 4.91 -19.28 13.06
N ILE A 117 5.57 -18.82 12.01
CA ILE A 117 4.89 -18.16 10.90
C ILE A 117 4.04 -19.24 10.27
N THR A 118 4.59 -20.44 10.25
CA THR A 118 3.89 -21.57 9.70
C THR A 118 2.61 -21.86 10.49
N ARG A 119 2.62 -21.52 11.78
CA ARG A 119 1.45 -21.74 12.64
C ARG A 119 0.35 -20.78 12.24
N LEU A 120 0.71 -19.65 11.63
CA LEU A 120 -0.26 -18.65 11.19
C LEU A 120 -1.27 -19.20 10.19
N PHE A 121 -0.79 -19.98 9.23
CA PHE A 121 -1.65 -20.58 8.20
C PHE A 121 -2.84 -21.32 8.80
N HIS A 122 -2.58 -22.08 9.85
CA HIS A 122 -3.60 -22.88 10.49
C HIS A 122 -4.72 -22.08 11.15
N ALA A 123 -4.55 -20.77 11.21
CA ALA A 123 -5.56 -19.89 11.80
C ALA A 123 -6.49 -19.32 10.73
N PHE A 124 -6.23 -19.68 9.47
CA PHE A 124 -7.09 -19.23 8.37
C PHE A 124 -8.11 -20.34 8.10
N ARG A 125 -9.17 -20.03 7.37
CA ARG A 125 -10.16 -21.05 7.04
C ARG A 125 -9.58 -21.85 5.87
N ARG A 126 -9.90 -23.14 5.78
CA ARG A 126 -9.40 -23.96 4.67
C ARG A 126 -10.09 -23.52 3.37
N ASP A 127 -11.23 -22.85 3.51
CA ASP A 127 -12.02 -22.37 2.37
C ASP A 127 -11.65 -20.97 1.88
N SER A 128 -10.69 -20.32 2.53
CA SER A 128 -10.26 -18.98 2.12
C SER A 128 -9.56 -19.02 0.75
N HIS A 129 -9.61 -17.92 0.02
CA HIS A 129 -8.95 -17.82 -1.30
C HIS A 129 -7.45 -17.84 -1.01
N PRO A 130 -6.67 -18.70 -1.71
CA PRO A 130 -5.23 -18.72 -1.44
C PRO A 130 -4.50 -17.38 -1.66
N MET A 131 -5.13 -16.47 -2.39
CA MET A 131 -4.51 -15.16 -2.65
C MET A 131 -4.65 -14.28 -1.40
N ALA A 132 -5.78 -14.42 -0.71
CA ALA A 132 -6.03 -13.64 0.49
C ALA A 132 -5.14 -14.15 1.63
N VAL A 133 -4.86 -15.45 1.62
CA VAL A 133 -3.99 -16.07 2.63
C VAL A 133 -2.57 -15.62 2.34
N MET A 134 -2.27 -15.43 1.05
CA MET A 134 -0.96 -15.01 0.62
C MET A 134 -0.67 -13.58 1.09
N CYS A 135 -1.64 -12.68 0.96
CA CYS A 135 -1.51 -11.29 1.41
C CYS A 135 -1.45 -11.25 2.94
N GLY A 136 -2.26 -12.09 3.58
CA GLY A 136 -2.30 -12.16 5.03
C GLY A 136 -0.98 -12.54 5.64
N ILE A 137 -0.38 -13.63 5.16
CA ILE A 137 0.90 -14.09 5.68
C ILE A 137 2.02 -13.09 5.40
N THR A 138 2.08 -12.59 4.17
CA THR A 138 3.13 -11.65 3.80
C THR A 138 3.03 -10.36 4.64
N GLY A 139 1.81 -9.98 4.98
CA GLY A 139 1.59 -8.79 5.77
C GLY A 139 1.83 -8.99 7.25
N ALA A 140 2.19 -10.21 7.63
CA ALA A 140 2.46 -10.53 9.04
C ALA A 140 3.92 -10.81 9.30
N LEU A 141 4.71 -10.95 8.23
CA LEU A 141 6.12 -11.26 8.36
C LEU A 141 6.87 -10.32 9.28
N ALA A 142 6.42 -9.07 9.33
CA ALA A 142 7.08 -8.07 10.18
C ALA A 142 7.01 -8.40 11.66
N ALA A 143 5.98 -9.13 12.07
CA ALA A 143 5.84 -9.51 13.48
C ALA A 143 6.82 -10.63 13.87
N PHE A 144 7.45 -11.24 12.85
CA PHE A 144 8.40 -12.32 13.08
C PHE A 144 9.83 -11.93 12.70
N TYR A 145 9.96 -11.02 11.75
CA TYR A 145 11.27 -10.55 11.28
C TYR A 145 11.36 -9.07 11.60
N HIS A 146 11.40 -8.75 12.88
CA HIS A 146 11.49 -7.36 13.31
C HIS A 146 12.89 -6.73 13.25
N ASP A 147 13.91 -7.55 12.99
CA ASP A 147 15.29 -7.05 12.94
C ASP A 147 15.72 -6.39 11.62
N SER A 148 14.92 -6.51 10.57
CA SER A 148 15.27 -5.92 9.27
C SER A 148 14.18 -4.97 8.75
N LEU A 149 13.65 -4.13 9.64
CA LEU A 149 12.58 -3.22 9.25
C LEU A 149 12.99 -1.77 8.95
N ASP A 150 14.17 -1.35 9.40
CA ASP A 150 14.63 0.03 9.13
C ASP A 150 15.12 0.17 7.70
N VAL A 151 14.27 0.74 6.86
CA VAL A 151 14.55 0.94 5.46
C VAL A 151 15.63 1.99 5.20
N ASN A 152 16.10 2.64 6.25
CA ASN A 152 17.14 3.65 6.15
C ASN A 152 18.51 3.00 6.26
N ASN A 153 18.52 1.74 6.70
CA ASN A 153 19.76 0.97 6.84
C ASN A 153 19.92 0.08 5.60
N PRO A 154 21.02 0.26 4.85
CA PRO A 154 21.30 -0.52 3.64
C PRO A 154 21.37 -2.04 3.87
N ARG A 155 22.05 -2.44 4.94
CA ARG A 155 22.17 -3.87 5.24
C ARG A 155 20.76 -4.40 5.44
N HIS A 156 19.92 -3.60 6.09
CA HIS A 156 18.54 -3.97 6.33
C HIS A 156 17.86 -4.38 5.03
N ARG A 157 17.87 -3.48 4.06
CA ARG A 157 17.26 -3.75 2.76
C ARG A 157 17.83 -5.03 2.17
N GLU A 158 19.15 -5.13 2.22
CA GLU A 158 19.85 -6.30 1.71
C GLU A 158 19.21 -7.58 2.25
N ILE A 159 19.08 -7.64 3.57
CA ILE A 159 18.50 -8.80 4.22
C ILE A 159 17.02 -9.00 3.90
N ALA A 160 16.22 -7.97 4.12
CA ALA A 160 14.79 -8.05 3.86
C ALA A 160 14.54 -8.61 2.46
N ALA A 161 15.34 -8.15 1.51
CA ALA A 161 15.21 -8.60 0.13
C ALA A 161 15.39 -10.12 -0.02
N PHE A 162 16.52 -10.63 0.44
CA PHE A 162 16.82 -12.06 0.35
C PHE A 162 15.76 -12.88 1.06
N ARG A 163 15.20 -12.34 2.13
CA ARG A 163 14.15 -13.03 2.87
C ARG A 163 12.90 -13.21 2.02
N LEU A 164 12.43 -12.12 1.41
CA LEU A 164 11.25 -12.15 0.55
C LEU A 164 11.51 -13.01 -0.66
N LEU A 165 12.68 -12.81 -1.26
CA LEU A 165 13.09 -13.53 -2.44
C LEU A 165 13.15 -15.05 -2.25
N SER A 166 13.77 -15.49 -1.15
CA SER A 166 13.89 -16.93 -0.90
C SER A 166 12.61 -17.58 -0.39
N LYS A 167 11.84 -16.83 0.40
CA LYS A 167 10.63 -17.37 1.02
C LYS A 167 9.28 -17.25 0.29
N MET A 168 9.15 -16.38 -0.70
CA MET A 168 7.85 -16.24 -1.38
C MET A 168 7.29 -17.55 -1.97
N PRO A 169 8.15 -18.38 -2.62
CA PRO A 169 7.66 -19.64 -3.20
C PRO A 169 7.25 -20.67 -2.13
N THR A 170 8.02 -20.72 -1.05
CA THR A 170 7.73 -21.62 0.06
C THR A 170 6.34 -21.26 0.56
N MET A 171 6.09 -19.95 0.66
CA MET A 171 4.83 -19.39 1.13
C MET A 171 3.67 -19.70 0.19
N ALA A 172 3.87 -19.45 -1.12
CA ALA A 172 2.82 -19.69 -2.11
C ALA A 172 2.40 -21.15 -2.20
N ALA A 173 3.36 -22.06 -2.12
CA ALA A 173 3.09 -23.48 -2.18
C ALA A 173 2.35 -23.94 -0.91
N MET A 174 2.60 -23.26 0.20
CA MET A 174 1.94 -23.58 1.46
C MET A 174 0.47 -23.18 1.34
N CYS A 175 0.21 -22.02 0.73
CA CYS A 175 -1.17 -21.57 0.54
C CYS A 175 -1.95 -22.64 -0.21
N TYR A 176 -1.35 -23.16 -1.27
CA TYR A 176 -1.98 -24.20 -2.06
C TYR A 176 -2.23 -25.46 -1.24
N LYS A 177 -1.19 -25.98 -0.59
CA LYS A 177 -1.34 -27.18 0.23
C LYS A 177 -2.40 -27.01 1.32
N TYR A 178 -2.47 -25.83 1.92
CA TYR A 178 -3.45 -25.59 2.96
C TYR A 178 -4.85 -25.57 2.34
N SER A 179 -4.97 -25.03 1.12
CA SER A 179 -6.26 -24.97 0.45
C SER A 179 -6.84 -26.34 0.04
N ILE A 180 -5.98 -27.33 -0.15
CA ILE A 180 -6.46 -28.66 -0.54
C ILE A 180 -6.31 -29.72 0.56
N GLY A 181 -5.79 -29.34 1.71
CA GLY A 181 -5.68 -30.31 2.80
C GLY A 181 -4.49 -31.25 2.83
N GLN A 182 -3.42 -30.92 2.11
CA GLN A 182 -2.24 -31.77 2.14
C GLN A 182 -1.17 -31.12 3.01
N PRO A 183 -0.25 -31.94 3.54
CA PRO A 183 0.82 -31.41 4.40
C PRO A 183 1.82 -30.53 3.65
N PHE A 184 2.46 -29.60 4.36
CA PHE A 184 3.44 -28.71 3.76
C PHE A 184 4.71 -29.47 3.38
N VAL A 185 5.38 -29.02 2.31
CA VAL A 185 6.60 -29.65 1.84
C VAL A 185 7.76 -28.66 2.02
N TYR A 186 8.79 -29.06 2.74
CA TYR A 186 9.94 -28.20 2.96
C TYR A 186 10.73 -27.96 1.69
N PRO A 187 11.49 -26.85 1.64
CA PRO A 187 12.33 -26.49 0.50
C PRO A 187 13.52 -27.44 0.47
N ARG A 188 13.93 -27.82 -0.73
CA ARG A 188 15.08 -28.71 -0.91
C ARG A 188 16.15 -27.98 -1.70
N ASN A 189 17.38 -28.08 -1.21
CA ASN A 189 18.51 -27.42 -1.82
C ASN A 189 18.98 -28.08 -3.12
N ASP A 190 18.71 -29.37 -3.27
CA ASP A 190 19.14 -30.10 -4.47
C ASP A 190 18.32 -29.80 -5.73
N LEU A 191 17.26 -28.99 -5.61
CA LEU A 191 16.42 -28.69 -6.74
C LEU A 191 16.58 -27.27 -7.27
N SER A 192 16.05 -27.03 -8.47
CA SER A 192 16.12 -25.69 -9.06
C SER A 192 15.03 -24.84 -8.43
N TYR A 193 15.09 -23.54 -8.65
CA TYR A 193 14.09 -22.63 -8.10
C TYR A 193 12.70 -23.07 -8.60
N ALA A 194 12.61 -23.41 -9.88
CA ALA A 194 11.34 -23.85 -10.45
C ALA A 194 11.03 -25.29 -10.01
N GLY A 195 12.03 -26.17 -10.09
CA GLY A 195 11.82 -27.55 -9.69
C GLY A 195 11.34 -27.62 -8.26
N ASN A 196 12.01 -26.87 -7.40
CA ASN A 196 11.66 -26.83 -5.99
C ASN A 196 10.21 -26.38 -5.79
N PHE A 197 9.79 -25.37 -6.53
CA PHE A 197 8.41 -24.89 -6.39
C PHE A 197 7.44 -26.02 -6.75
N LEU A 198 7.62 -26.63 -7.91
CA LEU A 198 6.76 -27.72 -8.34
C LEU A 198 6.75 -28.81 -7.27
N ASN A 199 7.91 -29.11 -6.72
CA ASN A 199 8.03 -30.12 -5.67
C ASN A 199 7.15 -29.74 -4.48
N MET A 200 7.32 -28.52 -3.97
CA MET A 200 6.55 -28.06 -2.81
C MET A 200 5.05 -27.98 -3.10
N MET A 201 4.71 -27.76 -4.36
CA MET A 201 3.31 -27.69 -4.78
C MET A 201 2.64 -29.06 -4.91
N PHE A 202 3.36 -30.03 -5.46
CA PHE A 202 2.78 -31.35 -5.73
C PHE A 202 3.18 -32.61 -4.97
N SER A 203 4.36 -32.64 -4.37
CA SER A 203 4.77 -33.85 -3.66
C SER A 203 4.03 -34.10 -2.34
N THR A 204 3.82 -35.38 -2.07
CA THR A 204 3.16 -35.86 -0.86
C THR A 204 4.15 -36.84 -0.25
N PRO A 205 3.97 -37.21 1.03
CA PRO A 205 4.91 -38.14 1.65
C PRO A 205 4.69 -39.60 1.22
N CYS A 206 3.66 -39.83 0.43
CA CYS A 206 3.31 -41.17 -0.02
C CYS A 206 4.11 -41.72 -1.19
N GLU A 207 5.01 -40.91 -1.72
CA GLU A 207 5.87 -41.33 -2.82
C GLU A 207 6.78 -40.21 -3.28
N PRO A 208 8.07 -40.52 -3.52
CA PRO A 208 9.00 -39.49 -3.96
C PRO A 208 8.49 -38.87 -5.26
N TYR A 209 8.46 -37.54 -5.29
CA TYR A 209 7.98 -36.82 -6.47
C TYR A 209 9.13 -36.56 -7.43
N GLU A 210 8.83 -36.72 -8.71
CA GLU A 210 9.82 -36.52 -9.74
C GLU A 210 9.37 -35.43 -10.70
N VAL A 211 10.18 -34.37 -10.78
CA VAL A 211 9.87 -33.22 -11.62
C VAL A 211 10.26 -33.43 -13.08
N ASN A 212 9.28 -33.23 -13.96
CA ASN A 212 9.49 -33.38 -15.39
C ASN A 212 10.24 -32.15 -15.91
N PRO A 213 11.47 -32.33 -16.41
CA PRO A 213 12.32 -31.26 -16.94
C PRO A 213 11.58 -30.33 -17.89
N ILE A 214 10.55 -30.86 -18.55
CA ILE A 214 9.76 -30.06 -19.47
C ILE A 214 8.89 -29.10 -18.67
N LEU A 215 8.07 -29.64 -17.79
CA LEU A 215 7.21 -28.80 -16.97
C LEU A 215 8.05 -27.84 -16.13
N GLU A 216 9.22 -28.29 -15.68
CA GLU A 216 10.08 -27.43 -14.88
C GLU A 216 10.51 -26.21 -15.65
N ARG A 217 11.14 -26.42 -16.80
CA ARG A 217 11.59 -25.30 -17.62
C ARG A 217 10.40 -24.39 -17.96
N ALA A 218 9.23 -25.00 -18.11
CA ALA A 218 8.02 -24.24 -18.42
C ALA A 218 7.70 -23.29 -17.26
N MET A 219 7.83 -23.78 -16.03
CA MET A 219 7.58 -22.98 -14.84
C MET A 219 8.62 -21.86 -14.77
N ASP A 220 9.88 -22.21 -15.01
CA ASP A 220 10.97 -21.24 -14.97
C ASP A 220 10.66 -20.08 -15.92
N ARG A 221 10.13 -20.41 -17.09
CA ARG A 221 9.76 -19.39 -18.06
C ARG A 221 8.55 -18.59 -17.59
N ILE A 222 7.58 -19.24 -16.95
CA ILE A 222 6.41 -18.52 -16.45
C ILE A 222 6.89 -17.47 -15.46
N LEU A 223 7.91 -17.83 -14.70
CA LEU A 223 8.48 -16.95 -13.69
C LEU A 223 9.28 -15.77 -14.26
N ILE A 224 10.24 -16.05 -15.15
CA ILE A 224 11.04 -14.98 -15.75
C ILE A 224 10.12 -13.96 -16.43
N LEU A 225 9.17 -14.47 -17.19
CA LEU A 225 8.22 -13.64 -17.92
C LEU A 225 7.27 -12.79 -17.07
N HIS A 226 7.32 -12.96 -15.76
CA HIS A 226 6.51 -12.15 -14.86
C HIS A 226 7.36 -11.44 -13.81
N ALA A 227 8.68 -11.62 -13.87
CA ALA A 227 9.60 -11.01 -12.91
C ALA A 227 9.35 -9.51 -12.66
N ASP A 228 9.12 -8.76 -13.73
CA ASP A 228 8.85 -7.33 -13.60
C ASP A 228 8.21 -6.75 -14.85
N HIS A 229 7.43 -5.70 -14.66
CA HIS A 229 6.80 -5.03 -15.78
C HIS A 229 6.77 -3.49 -15.68
N GLU A 230 7.92 -2.86 -15.40
CA GLU A 230 7.92 -1.40 -15.37
C GLU A 230 6.90 -0.86 -14.34
N GLN A 231 6.58 0.42 -14.47
CA GLN A 231 5.61 1.06 -13.60
C GLN A 231 4.17 0.64 -13.95
N ASN A 232 3.35 0.42 -12.92
CA ASN A 232 1.94 0.07 -13.07
C ASN A 232 1.27 0.16 -11.71
N ALA A 233 0.01 -0.26 -11.63
CA ALA A 233 -0.75 -0.17 -10.39
C ALA A 233 -0.10 -0.79 -9.15
N SER A 234 0.27 -2.06 -9.22
CA SER A 234 0.87 -2.71 -8.06
C SER A 234 2.30 -2.20 -7.74
N THR A 235 3.09 -1.89 -8.77
CA THR A 235 4.45 -1.37 -8.55
C THR A 235 4.40 0.07 -8.02
N SER A 236 3.44 0.85 -8.49
CA SER A 236 3.30 2.23 -8.00
C SER A 236 2.88 2.15 -6.54
N THR A 237 2.08 1.14 -6.20
CA THR A 237 1.63 0.94 -4.83
C THR A 237 2.83 0.60 -3.94
N VAL A 238 3.73 -0.23 -4.45
CA VAL A 238 4.91 -0.63 -3.71
C VAL A 238 5.89 0.54 -3.55
N ARG A 239 5.88 1.43 -4.55
CA ARG A 239 6.75 2.61 -4.52
C ARG A 239 6.21 3.64 -3.54
N THR A 240 4.89 3.82 -3.51
CA THR A 240 4.29 4.81 -2.61
C THR A 240 4.40 4.38 -1.14
N ALA A 241 4.02 3.14 -0.85
CA ALA A 241 4.11 2.63 0.51
C ALA A 241 5.57 2.74 0.96
N GLY A 242 6.48 2.40 0.05
CA GLY A 242 7.88 2.45 0.37
C GLY A 242 8.37 3.81 0.84
N SER A 243 8.19 4.83 -0.01
CA SER A 243 8.67 6.16 0.35
C SER A 243 7.94 6.77 1.54
N SER A 244 6.99 6.03 2.11
CA SER A 244 6.26 6.52 3.26
C SER A 244 6.86 5.90 4.53
N GLY A 245 7.97 5.19 4.33
CA GLY A 245 8.66 4.55 5.44
C GLY A 245 8.29 3.11 5.72
N ALA A 246 7.09 2.69 5.31
CA ALA A 246 6.61 1.32 5.54
C ALA A 246 7.69 0.25 5.35
N ASN A 247 7.74 -0.73 6.26
CA ASN A 247 8.76 -1.76 6.14
C ASN A 247 8.59 -2.54 4.83
N PRO A 248 9.68 -3.15 4.34
CA PRO A 248 9.67 -3.91 3.09
C PRO A 248 8.62 -5.01 2.95
N PHE A 249 8.37 -5.77 4.01
CA PHE A 249 7.37 -6.84 3.95
C PHE A 249 5.98 -6.27 3.75
N ALA A 250 5.68 -5.17 4.42
CA ALA A 250 4.38 -4.53 4.27
C ALA A 250 4.24 -4.01 2.83
N CYS A 251 5.33 -3.51 2.26
CA CYS A 251 5.33 -2.96 0.90
C CYS A 251 4.97 -4.02 -0.12
N ILE A 252 5.55 -5.21 0.04
CA ILE A 252 5.26 -6.32 -0.87
C ILE A 252 3.82 -6.81 -0.66
N ALA A 253 3.38 -6.82 0.60
CA ALA A 253 2.03 -7.26 0.92
C ALA A 253 1.00 -6.37 0.22
N ALA A 254 1.28 -5.07 0.15
CA ALA A 254 0.36 -4.15 -0.52
C ALA A 254 0.43 -4.38 -2.02
N GLY A 255 1.63 -4.72 -2.50
CA GLY A 255 1.82 -4.98 -3.92
C GLY A 255 0.98 -6.17 -4.34
N ILE A 256 1.00 -7.24 -3.55
CA ILE A 256 0.23 -8.46 -3.83
C ILE A 256 -1.26 -8.17 -3.89
N ALA A 257 -1.74 -7.33 -2.99
CA ALA A 257 -3.16 -7.03 -2.95
C ALA A 257 -3.58 -6.15 -4.14
N SER A 258 -2.66 -5.29 -4.57
CA SER A 258 -2.95 -4.39 -5.70
C SER A 258 -3.03 -5.23 -6.94
N LEU A 259 -2.17 -6.23 -7.00
CA LEU A 259 -2.14 -7.13 -8.15
C LEU A 259 -3.43 -7.97 -8.21
N TRP A 260 -3.98 -8.30 -7.05
CA TRP A 260 -5.19 -9.11 -6.96
C TRP A 260 -6.47 -8.28 -7.23
N GLY A 261 -6.34 -6.97 -6.94
CA GLY A 261 -7.37 -6.01 -7.12
C GLY A 261 -8.40 -6.10 -8.27
N PRO A 262 -7.88 -6.16 -9.51
CA PRO A 262 -8.78 -6.30 -10.67
C PRO A 262 -9.60 -7.56 -10.59
N ALA A 263 -9.01 -8.65 -10.08
CA ALA A 263 -9.69 -9.95 -10.00
C ALA A 263 -10.97 -10.10 -9.19
N HIS A 264 -10.95 -9.72 -7.90
CA HIS A 264 -12.15 -9.77 -7.03
C HIS A 264 -12.76 -8.40 -7.22
N GLY A 265 -12.72 -7.96 -8.50
CA GLY A 265 -13.30 -6.64 -8.84
C GLY A 265 -14.76 -6.53 -9.30
N GLY A 266 -15.52 -7.66 -9.25
CA GLY A 266 -16.90 -7.59 -9.76
C GLY A 266 -17.48 -8.25 -11.03
N ALA A 267 -17.44 -7.46 -12.10
CA ALA A 267 -18.01 -7.79 -13.38
C ALA A 267 -16.95 -8.68 -13.87
N ASN A 268 -15.72 -8.28 -13.50
CA ASN A 268 -14.50 -8.96 -13.93
C ASN A 268 -14.83 -10.36 -13.39
N GLU A 269 -14.64 -10.44 -12.06
CA GLU A 269 -14.92 -11.64 -11.23
C GLU A 269 -16.01 -12.63 -11.68
N ALA A 270 -17.13 -12.12 -12.17
CA ALA A 270 -18.23 -12.98 -12.63
C ALA A 270 -17.98 -13.58 -14.01
N ALA A 271 -17.20 -12.89 -14.86
CA ALA A 271 -16.92 -13.39 -16.21
C ALA A 271 -15.84 -14.45 -16.04
N LEU A 272 -15.17 -14.42 -14.89
CA LEU A 272 -14.12 -15.39 -14.59
C LEU A 272 -14.78 -16.76 -14.47
N LYS A 273 -15.98 -16.76 -13.90
CA LYS A 273 -16.76 -17.99 -13.74
C LYS A 273 -17.16 -18.55 -15.10
N MET A 274 -17.72 -17.69 -15.94
CA MET A 274 -18.17 -18.09 -17.27
C MET A 274 -17.12 -18.85 -18.08
N LEU A 275 -15.87 -18.46 -17.97
CA LEU A 275 -14.80 -19.13 -18.70
C LEU A 275 -14.48 -20.47 -18.06
N GLU A 276 -14.01 -20.42 -16.81
CA GLU A 276 -13.65 -21.64 -16.09
C GLU A 276 -14.78 -22.66 -16.03
N GLU A 277 -16.01 -22.25 -16.33
CA GLU A 277 -17.14 -23.18 -16.29
C GLU A 277 -17.60 -23.62 -17.68
N ILE A 278 -18.44 -22.79 -18.30
CA ILE A 278 -18.98 -23.08 -19.62
C ILE A 278 -17.86 -23.47 -20.59
N GLY A 279 -17.94 -24.69 -21.09
CA GLY A 279 -16.93 -25.18 -22.02
C GLY A 279 -17.20 -26.62 -22.34
N LYS A 280 -18.24 -26.86 -23.14
CA LYS A 280 -18.62 -28.20 -23.53
C LYS A 280 -18.51 -28.39 -25.04
N LYS A 281 -17.55 -27.71 -25.65
CA LYS A 281 -17.33 -27.79 -27.09
C LYS A 281 -18.63 -27.67 -27.86
N GLU A 282 -19.43 -26.69 -27.46
CA GLU A 282 -20.72 -26.39 -28.07
C GLU A 282 -20.92 -24.90 -27.79
N ASN A 283 -20.47 -24.50 -26.61
CA ASN A 283 -20.58 -23.12 -26.16
C ASN A 283 -19.44 -22.30 -26.74
N ILE A 284 -18.23 -22.57 -26.26
CA ILE A 284 -17.04 -21.86 -26.71
C ILE A 284 -16.84 -21.91 -28.22
N PRO A 285 -16.92 -23.11 -28.82
CA PRO A 285 -16.74 -23.21 -30.29
C PRO A 285 -17.73 -22.41 -31.14
N GLU A 286 -19.02 -22.69 -31.00
CA GLU A 286 -20.04 -21.99 -31.78
C GLU A 286 -20.34 -20.61 -31.21
N PHE A 287 -19.31 -19.98 -30.64
CA PHE A 287 -19.41 -18.64 -30.06
C PHE A 287 -20.63 -18.48 -29.16
N VAL A 288 -20.94 -19.54 -28.42
CA VAL A 288 -22.07 -19.50 -27.49
C VAL A 288 -21.68 -18.85 -26.17
N ARG A 289 -20.62 -19.42 -25.55
CA ARG A 289 -20.14 -18.86 -24.29
C ARG A 289 -19.61 -17.46 -24.55
N ARG A 290 -19.07 -17.24 -25.74
CA ARG A 290 -18.56 -15.94 -26.11
C ARG A 290 -19.69 -15.07 -26.65
N ALA A 291 -20.88 -15.65 -26.75
CA ALA A 291 -22.05 -14.91 -27.22
C ALA A 291 -22.43 -13.93 -26.12
N LYS A 292 -21.92 -14.20 -24.93
CA LYS A 292 -22.17 -13.36 -23.78
C LYS A 292 -20.87 -12.61 -23.48
N ASP A 293 -20.90 -11.28 -23.58
CA ASP A 293 -19.70 -10.49 -23.33
C ASP A 293 -19.95 -9.05 -22.87
N LYS A 294 -21.06 -8.82 -22.17
CA LYS A 294 -21.38 -7.49 -21.68
C LYS A 294 -20.18 -6.97 -20.88
N ASN A 295 -19.83 -7.72 -19.83
CA ASN A 295 -18.67 -7.40 -18.99
C ASN A 295 -17.50 -7.86 -19.84
N ASP A 296 -16.52 -6.99 -20.09
CA ASP A 296 -15.42 -7.44 -20.91
C ASP A 296 -14.50 -8.37 -20.10
N SER A 297 -13.82 -7.83 -19.08
CA SER A 297 -12.96 -8.66 -18.23
C SER A 297 -12.09 -9.50 -19.15
N PHE A 298 -11.63 -8.91 -20.25
CA PHE A 298 -10.85 -9.64 -21.23
C PHE A 298 -9.43 -9.97 -20.83
N ARG A 299 -8.64 -8.95 -20.49
CA ARG A 299 -7.26 -9.19 -20.11
C ARG A 299 -7.22 -10.16 -18.94
N LEU A 300 -8.30 -10.18 -18.17
CA LEU A 300 -8.43 -11.06 -17.02
C LEU A 300 -8.44 -12.51 -17.47
N MET A 301 -9.06 -12.78 -18.61
CA MET A 301 -9.07 -14.13 -19.14
C MET A 301 -7.87 -14.30 -20.07
N GLY A 302 -7.05 -13.25 -20.16
CA GLY A 302 -5.86 -13.30 -20.99
C GLY A 302 -6.00 -12.70 -22.38
N PHE A 303 -6.97 -11.80 -22.55
CA PHE A 303 -7.18 -11.16 -23.84
C PHE A 303 -6.93 -9.66 -23.83
N GLY A 304 -6.20 -9.19 -24.84
CA GLY A 304 -5.89 -7.78 -24.94
C GLY A 304 -4.86 -7.31 -23.94
N HIS A 305 -4.53 -6.03 -23.98
CA HIS A 305 -3.57 -5.48 -23.03
C HIS A 305 -3.62 -3.96 -23.04
N ARG A 306 -3.38 -3.38 -21.87
CA ARG A 306 -3.43 -1.92 -21.72
C ARG A 306 -2.26 -1.14 -22.33
N VAL A 307 -1.04 -1.68 -22.22
CA VAL A 307 0.14 -0.98 -22.74
C VAL A 307 0.52 -1.31 -24.18
N TYR A 308 0.70 -2.58 -24.48
CA TYR A 308 1.11 -3.03 -25.81
C TYR A 308 -0.02 -2.94 -26.84
N LYS A 309 0.25 -2.21 -27.91
CA LYS A 309 -0.74 -2.00 -28.98
C LYS A 309 -1.29 -3.22 -29.71
N ASN A 310 -0.40 -3.98 -30.33
CA ASN A 310 -0.82 -5.13 -31.13
C ASN A 310 -0.51 -6.48 -30.56
N TYR A 311 0.47 -6.56 -29.67
CA TYR A 311 0.83 -7.84 -29.10
C TYR A 311 1.74 -7.70 -27.88
N ASP A 312 1.62 -8.68 -27.00
CA ASP A 312 2.40 -8.75 -25.78
C ASP A 312 3.69 -9.46 -26.13
N PRO A 313 4.84 -8.74 -26.06
CA PRO A 313 6.12 -9.37 -26.40
C PRO A 313 6.45 -10.62 -25.59
N ARG A 314 5.88 -10.70 -24.39
CA ARG A 314 6.13 -11.83 -23.51
C ARG A 314 5.37 -13.08 -23.94
N ALA A 315 4.35 -12.90 -24.78
CA ALA A 315 3.53 -14.02 -25.21
C ALA A 315 4.18 -14.94 -26.25
N THR A 316 5.26 -14.50 -26.87
CA THR A 316 5.92 -15.32 -27.90
C THR A 316 6.53 -16.58 -27.30
N VAL A 317 7.42 -16.39 -26.34
CA VAL A 317 8.07 -17.53 -25.70
C VAL A 317 7.04 -18.42 -24.98
N MET A 318 6.05 -17.80 -24.35
CA MET A 318 5.06 -18.59 -23.61
C MET A 318 4.17 -19.47 -24.51
N ARG A 319 3.78 -18.96 -25.68
CA ARG A 319 2.94 -19.76 -26.57
C ARG A 319 3.68 -20.99 -27.04
N GLU A 320 4.97 -20.85 -27.31
CA GLU A 320 5.76 -21.98 -27.77
C GLU A 320 5.98 -22.95 -26.61
N THR A 321 6.08 -22.40 -25.41
CA THR A 321 6.26 -23.21 -24.21
C THR A 321 4.96 -23.95 -23.95
N CYS A 322 3.85 -23.28 -24.23
CA CYS A 322 2.53 -23.86 -24.05
C CYS A 322 2.36 -25.04 -25.01
N HIS A 323 2.75 -24.85 -26.27
CA HIS A 323 2.66 -25.91 -27.28
C HIS A 323 3.41 -27.13 -26.78
N GLU A 324 4.66 -26.89 -26.40
CA GLU A 324 5.54 -27.93 -25.91
C GLU A 324 4.91 -28.76 -24.78
N VAL A 325 4.56 -28.09 -23.68
CA VAL A 325 3.95 -28.74 -22.53
C VAL A 325 2.72 -29.56 -22.88
N LEU A 326 1.82 -28.98 -23.67
CA LEU A 326 0.59 -29.66 -24.07
C LEU A 326 0.88 -31.00 -24.76
N LYS A 327 2.05 -31.09 -25.37
CA LYS A 327 2.44 -32.31 -26.05
C LYS A 327 3.15 -33.24 -25.08
N GLU A 328 3.91 -32.67 -24.17
CA GLU A 328 4.63 -33.47 -23.18
C GLU A 328 3.63 -34.17 -22.26
N LEU A 329 2.54 -33.47 -21.93
CA LEU A 329 1.51 -34.05 -21.07
C LEU A 329 0.61 -34.94 -21.91
N GLY A 330 1.13 -35.30 -23.07
CA GLY A 330 0.43 -36.17 -23.99
C GLY A 330 -1.06 -35.98 -24.18
N THR A 331 -1.73 -37.06 -24.58
CA THR A 331 -3.15 -37.06 -24.85
C THR A 331 -4.01 -37.26 -23.60
N LYS A 332 -4.30 -36.16 -22.93
CA LYS A 332 -5.13 -36.15 -21.73
C LYS A 332 -5.81 -34.81 -21.82
N ASP A 333 -5.77 -34.25 -23.03
CA ASP A 333 -6.33 -32.95 -23.31
C ASP A 333 -7.48 -33.00 -24.31
N ASP A 334 -8.70 -33.10 -23.79
CA ASP A 334 -9.89 -33.14 -24.62
C ASP A 334 -10.54 -31.77 -24.46
N LEU A 335 -11.04 -31.50 -23.26
CA LEU A 335 -11.68 -30.23 -22.95
C LEU A 335 -10.79 -29.05 -23.38
N LEU A 336 -9.48 -29.23 -23.32
CA LEU A 336 -8.53 -28.19 -23.70
C LEU A 336 -8.37 -28.06 -25.23
N GLU A 337 -9.52 -27.97 -25.89
CA GLU A 337 -9.64 -27.80 -27.33
C GLU A 337 -10.19 -26.39 -27.44
N VAL A 338 -10.75 -25.94 -26.33
CA VAL A 338 -11.33 -24.62 -26.19
C VAL A 338 -10.17 -23.64 -26.21
N ALA A 339 -8.99 -24.16 -25.89
CA ALA A 339 -7.77 -23.36 -25.87
C ALA A 339 -7.47 -22.97 -27.31
N MET A 340 -7.45 -23.97 -28.17
CA MET A 340 -7.19 -23.78 -29.58
C MET A 340 -8.31 -22.98 -30.21
N GLU A 341 -9.53 -23.25 -29.78
CA GLU A 341 -10.72 -22.55 -30.28
C GLU A 341 -10.79 -21.08 -29.89
N LEU A 342 -10.49 -20.76 -28.64
CA LEU A 342 -10.54 -19.37 -28.20
C LEU A 342 -9.49 -18.53 -28.89
N GLU A 343 -8.29 -19.08 -29.10
CA GLU A 343 -7.25 -18.31 -29.77
C GLU A 343 -7.76 -17.99 -31.18
N ASN A 344 -8.42 -18.97 -31.80
CA ASN A 344 -8.97 -18.79 -33.15
C ASN A 344 -9.99 -17.67 -33.17
N ILE A 345 -10.90 -17.66 -32.21
CA ILE A 345 -11.92 -16.61 -32.16
C ILE A 345 -11.33 -15.25 -31.81
N ALA A 346 -10.18 -15.26 -31.14
CA ALA A 346 -9.50 -14.02 -30.75
C ALA A 346 -8.79 -13.35 -31.93
N LEU A 347 -8.29 -14.16 -32.86
CA LEU A 347 -7.59 -13.65 -34.03
C LEU A 347 -8.46 -13.56 -35.29
N ASN A 348 -9.57 -14.28 -35.31
CA ASN A 348 -10.43 -14.30 -36.48
C ASN A 348 -11.80 -13.61 -36.39
N ASP A 349 -12.21 -13.23 -35.19
CA ASP A 349 -13.50 -12.55 -35.04
C ASP A 349 -13.32 -11.04 -35.21
N PRO A 350 -14.08 -10.42 -36.12
CA PRO A 350 -13.98 -8.98 -36.37
C PRO A 350 -14.00 -8.16 -35.08
N TYR A 351 -14.88 -8.54 -34.14
CA TYR A 351 -14.99 -7.83 -32.88
C TYR A 351 -13.62 -7.77 -32.21
N PHE A 352 -13.11 -8.93 -31.84
CA PHE A 352 -11.80 -9.02 -31.20
C PHE A 352 -10.76 -8.35 -32.07
N ILE A 353 -10.89 -8.53 -33.39
CA ILE A 353 -9.94 -7.92 -34.30
C ILE A 353 -10.03 -6.42 -34.13
N GLU A 354 -11.27 -5.92 -34.18
CA GLU A 354 -11.49 -4.48 -34.04
C GLU A 354 -11.07 -3.97 -32.67
N LYS A 355 -11.63 -4.55 -31.61
CA LYS A 355 -11.32 -4.14 -30.24
C LYS A 355 -9.95 -4.65 -29.72
N LYS A 356 -9.25 -5.44 -30.54
CA LYS A 356 -7.94 -6.00 -30.19
C LYS A 356 -7.83 -6.77 -28.86
N LEU A 357 -8.66 -7.80 -28.71
CA LEU A 357 -8.62 -8.64 -27.52
C LEU A 357 -7.73 -9.80 -27.93
N TYR A 358 -6.46 -9.51 -28.23
CA TYR A 358 -5.51 -10.55 -28.63
C TYR A 358 -4.94 -11.28 -27.42
N PRO A 359 -4.61 -12.57 -27.58
CA PRO A 359 -4.06 -13.33 -26.45
C PRO A 359 -2.77 -12.70 -25.92
N ASN A 360 -2.75 -12.34 -24.64
CA ASN A 360 -1.53 -11.78 -24.06
C ASN A 360 -0.78 -12.92 -23.37
N VAL A 361 0.31 -12.59 -22.68
CA VAL A 361 1.12 -13.62 -22.02
C VAL A 361 0.35 -14.53 -21.06
N ASP A 362 -0.60 -13.97 -20.31
CA ASP A 362 -1.37 -14.75 -19.35
C ASP A 362 -2.32 -15.78 -19.96
N PHE A 363 -2.77 -15.54 -21.19
CA PHE A 363 -3.65 -16.50 -21.85
C PHE A 363 -2.91 -17.84 -21.88
N TYR A 364 -1.66 -17.83 -22.35
CA TYR A 364 -0.86 -19.05 -22.44
C TYR A 364 -0.34 -19.54 -21.09
N SER A 365 -0.07 -18.61 -20.17
CA SER A 365 0.41 -19.00 -18.83
C SER A 365 -0.73 -19.79 -18.21
N GLY A 366 -1.94 -19.26 -18.38
CA GLY A 366 -3.12 -19.90 -17.84
C GLY A 366 -3.31 -21.29 -18.43
N ILE A 367 -3.10 -21.42 -19.74
CA ILE A 367 -3.25 -22.72 -20.37
C ILE A 367 -2.19 -23.69 -19.83
N ILE A 368 -0.96 -23.21 -19.67
CA ILE A 368 0.11 -24.05 -19.16
C ILE A 368 -0.21 -24.54 -17.75
N LEU A 369 -0.45 -23.61 -16.84
CA LEU A 369 -0.75 -23.96 -15.44
C LEU A 369 -1.93 -24.90 -15.31
N LYS A 370 -2.98 -24.68 -16.10
CA LYS A 370 -4.15 -25.56 -16.04
C LYS A 370 -3.71 -26.97 -16.42
N ALA A 371 -3.07 -27.09 -17.58
CA ALA A 371 -2.61 -28.39 -18.05
C ALA A 371 -1.82 -29.11 -16.96
N MET A 372 -1.30 -28.34 -16.00
CA MET A 372 -0.51 -28.90 -14.89
C MET A 372 -1.33 -29.22 -13.63
N GLY A 373 -2.64 -29.04 -13.69
CA GLY A 373 -3.46 -29.36 -12.54
C GLY A 373 -3.49 -28.29 -11.47
N ILE A 374 -2.97 -27.12 -11.78
CA ILE A 374 -2.96 -26.01 -10.84
C ILE A 374 -4.27 -25.23 -10.97
N PRO A 375 -5.02 -25.08 -9.87
CA PRO A 375 -6.30 -24.36 -9.89
C PRO A 375 -6.14 -22.88 -10.20
N SER A 376 -7.18 -22.28 -10.77
CA SER A 376 -7.15 -20.86 -11.12
C SER A 376 -6.84 -19.93 -9.96
N SER A 377 -7.39 -20.24 -8.80
CA SER A 377 -7.17 -19.41 -7.62
C SER A 377 -5.68 -19.19 -7.35
N MET A 378 -4.86 -20.13 -7.81
CA MET A 378 -3.41 -20.02 -7.60
C MET A 378 -2.70 -19.27 -8.71
N PHE A 379 -3.44 -18.80 -9.71
CA PHE A 379 -2.79 -18.08 -10.81
C PHE A 379 -2.14 -16.76 -10.36
N THR A 380 -2.91 -15.88 -9.73
CA THR A 380 -2.38 -14.60 -9.29
C THR A 380 -1.30 -14.79 -8.23
N VAL A 381 -1.45 -15.85 -7.43
CA VAL A 381 -0.47 -16.12 -6.40
C VAL A 381 0.90 -16.32 -7.04
N ILE A 382 0.96 -17.20 -8.04
CA ILE A 382 2.21 -17.49 -8.74
C ILE A 382 2.76 -16.27 -9.48
N PHE A 383 1.87 -15.43 -10.02
CA PHE A 383 2.33 -14.24 -10.71
C PHE A 383 2.90 -13.23 -9.71
N ALA A 384 2.22 -13.08 -8.58
CA ALA A 384 2.67 -12.17 -7.52
C ALA A 384 3.99 -12.69 -6.98
N MET A 385 4.06 -14.01 -6.83
CA MET A 385 5.27 -14.66 -6.34
C MET A 385 6.42 -14.29 -7.26
N ALA A 386 6.21 -14.43 -8.57
CA ALA A 386 7.25 -14.11 -9.55
C ALA A 386 7.55 -12.61 -9.63
N ARG A 387 6.51 -11.78 -9.53
CA ARG A 387 6.65 -10.33 -9.63
C ARG A 387 7.38 -9.70 -8.42
N THR A 388 7.49 -10.45 -7.33
CA THR A 388 8.14 -9.95 -6.12
C THR A 388 9.56 -9.39 -6.32
N VAL A 389 10.37 -10.05 -7.15
CA VAL A 389 11.73 -9.55 -7.41
C VAL A 389 11.70 -8.17 -8.07
N GLY A 390 10.73 -7.96 -8.95
CA GLY A 390 10.61 -6.68 -9.61
C GLY A 390 10.24 -5.62 -8.59
N TRP A 391 9.30 -5.95 -7.70
CA TRP A 391 8.88 -4.99 -6.67
C TRP A 391 10.07 -4.62 -5.80
N ILE A 392 10.90 -5.60 -5.46
CA ILE A 392 12.08 -5.36 -4.64
C ILE A 392 13.03 -4.37 -5.34
N ALA A 393 13.26 -4.60 -6.63
CA ALA A 393 14.15 -3.72 -7.41
C ALA A 393 13.63 -2.29 -7.43
N HIS A 394 12.34 -2.12 -7.73
CA HIS A 394 11.73 -0.79 -7.75
C HIS A 394 11.79 -0.14 -6.37
N TRP A 395 11.47 -0.92 -5.34
CA TRP A 395 11.50 -0.43 -3.96
C TRP A 395 12.94 -0.05 -3.58
N SER A 396 13.90 -0.89 -3.98
CA SER A 396 15.29 -0.62 -3.66
C SER A 396 15.79 0.60 -4.42
N GLU A 397 15.17 0.88 -5.56
CA GLU A 397 15.55 2.02 -6.39
C GLU A 397 14.85 3.30 -5.92
N MET A 398 13.70 3.13 -5.28
CA MET A 398 12.97 4.27 -4.77
C MET A 398 13.72 4.81 -3.56
N HIS A 399 14.32 3.91 -2.78
CA HIS A 399 15.09 4.30 -1.60
C HIS A 399 16.35 5.00 -2.02
N SER A 400 17.22 4.24 -2.70
CA SER A 400 18.49 4.73 -3.18
C SER A 400 18.36 6.07 -3.90
N ASP A 401 17.15 6.40 -4.35
CA ASP A 401 16.92 7.67 -5.04
C ASP A 401 17.33 8.83 -4.15
N GLY A 402 16.38 9.37 -3.42
CA GLY A 402 16.67 10.49 -2.54
C GLY A 402 15.81 10.51 -1.29
N MET A 403 15.08 9.41 -1.06
CA MET A 403 14.19 9.26 0.09
C MET A 403 13.41 10.55 0.35
N LYS A 404 12.74 10.99 -0.70
CA LYS A 404 11.93 12.20 -0.68
C LYS A 404 10.46 11.85 -0.50
N ILE A 405 10.01 11.71 0.74
CA ILE A 405 8.62 11.37 1.01
C ILE A 405 7.68 12.22 0.17
N ALA A 406 7.09 11.58 -0.84
CA ALA A 406 6.17 12.24 -1.75
C ALA A 406 4.87 12.66 -1.06
N ARG A 407 4.52 13.93 -1.21
CA ARG A 407 3.29 14.49 -0.63
C ARG A 407 2.48 15.28 -1.65
N PRO A 408 1.72 14.58 -2.52
CA PRO A 408 0.93 15.28 -3.52
C PRO A 408 0.00 16.32 -2.88
N ARG A 409 -0.44 17.28 -3.69
CA ARG A 409 -1.33 18.33 -3.22
C ARG A 409 -2.73 17.95 -3.60
N GLN A 410 -3.69 18.71 -3.09
CA GLN A 410 -5.09 18.48 -3.41
C GLN A 410 -5.66 19.81 -3.85
N LEU A 411 -6.68 19.76 -4.69
CA LEU A 411 -7.35 20.97 -5.12
C LEU A 411 -8.58 20.93 -4.21
N TYR A 412 -8.57 21.74 -3.15
CA TYR A 412 -9.70 21.73 -2.24
C TYR A 412 -10.92 22.38 -2.89
N THR A 413 -12.03 21.66 -2.90
CA THR A 413 -13.25 22.16 -3.51
C THR A 413 -14.38 22.17 -2.49
N GLY A 414 -14.14 21.61 -1.32
CA GLY A 414 -15.15 21.58 -0.26
C GLY A 414 -15.71 22.88 0.30
N TYR A 415 -16.32 22.73 1.48
CA TYR A 415 -16.92 23.84 2.20
C TYR A 415 -15.88 24.78 2.76
N GLU A 416 -16.15 26.08 2.65
CA GLU A 416 -15.27 27.10 3.21
C GLU A 416 -15.53 27.02 4.71
N LYS A 417 -14.70 27.68 5.51
CA LYS A 417 -14.89 27.62 6.96
C LYS A 417 -16.31 27.97 7.39
N ARG A 418 -16.90 27.10 8.21
CA ARG A 418 -18.24 27.29 8.75
C ARG A 418 -18.24 26.84 10.21
N ASP A 419 -19.00 27.52 11.06
CA ASP A 419 -19.07 27.15 12.46
C ASP A 419 -19.88 25.90 12.65
N PHE A 420 -19.56 25.14 13.70
CA PHE A 420 -20.26 23.89 13.99
C PHE A 420 -21.08 23.93 15.27
N LYS A 421 -22.29 23.38 15.17
CA LYS A 421 -23.23 23.27 16.28
C LYS A 421 -24.02 21.98 16.01
N SER A 422 -23.74 20.96 16.79
CA SER A 422 -24.39 19.66 16.67
C SER A 422 -25.91 19.77 16.73
N ASP A 423 -26.59 18.83 16.07
CA ASP A 423 -28.05 18.79 16.10
C ASP A 423 -28.45 17.61 16.97
N ILE A 424 -27.46 16.97 17.59
CA ILE A 424 -27.74 15.82 18.44
C ILE A 424 -27.51 16.10 19.91
N LYS A 425 -28.12 15.27 20.74
CA LYS A 425 -27.99 15.38 22.17
C LYS A 425 -28.02 13.93 22.66
N ARG A 426 -26.99 13.18 22.26
CA ARG A 426 -26.85 11.77 22.60
C ARG A 426 -25.36 11.39 22.60
N ALA B 1 -8.42 33.91 -8.46
CA ALA B 1 -7.35 33.99 -9.51
C ALA B 1 -6.51 35.25 -9.31
N ASP B 2 -5.46 35.14 -8.49
CA ASP B 2 -4.58 36.27 -8.23
C ASP B 2 -3.43 36.36 -9.23
N THR B 3 -2.28 35.78 -8.86
CA THR B 3 -1.11 35.80 -9.72
C THR B 3 -1.17 34.68 -10.75
N LYS B 4 -2.39 34.36 -11.19
CA LYS B 4 -2.65 33.31 -12.16
C LYS B 4 -3.95 33.53 -12.93
N ALA B 5 -3.86 34.10 -14.12
CA ALA B 5 -5.02 34.36 -14.98
C ALA B 5 -5.16 33.14 -15.89
N LYS B 6 -4.28 33.07 -16.87
CA LYS B 6 -4.25 31.94 -17.79
C LYS B 6 -2.78 31.71 -17.96
N LEU B 7 -2.39 30.54 -18.47
CA LEU B 7 -0.99 30.25 -18.65
C LEU B 7 -0.73 29.67 -20.04
N THR B 8 0.51 29.80 -20.49
CA THR B 8 0.89 29.29 -21.80
C THR B 8 2.17 28.47 -21.73
N LEU B 9 2.07 27.21 -22.11
CA LEU B 9 3.21 26.31 -22.12
C LEU B 9 3.98 26.61 -23.40
N ASP B 10 5.22 27.05 -23.26
CA ASP B 10 6.03 27.40 -24.42
C ASP B 10 7.15 26.42 -24.73
N GLY B 11 7.13 25.89 -25.95
CA GLY B 11 8.15 24.98 -26.41
C GLY B 11 8.59 25.54 -27.75
N ASP B 12 7.69 25.43 -28.73
CA ASP B 12 7.91 25.95 -30.06
C ASP B 12 6.61 26.56 -30.59
N THR B 13 5.53 26.33 -29.83
CA THR B 13 4.21 26.86 -30.15
C THR B 13 3.44 26.97 -28.82
N ALA B 14 2.96 28.17 -28.53
CA ALA B 14 2.23 28.45 -27.30
C ALA B 14 1.09 27.49 -27.02
N VAL B 15 1.13 26.87 -25.83
CA VAL B 15 0.11 25.92 -25.41
C VAL B 15 -0.60 26.48 -24.17
N GLU B 16 -1.77 27.09 -24.37
CA GLU B 16 -2.55 27.67 -23.28
C GLU B 16 -3.21 26.62 -22.41
N LEU B 17 -3.03 26.74 -21.10
CA LEU B 17 -3.62 25.77 -20.17
C LEU B 17 -4.60 26.47 -19.24
N ASP B 18 -5.75 25.84 -19.02
CA ASP B 18 -6.77 26.41 -18.16
C ASP B 18 -6.39 26.31 -16.69
N VAL B 19 -6.49 27.43 -15.97
CA VAL B 19 -6.18 27.47 -14.54
C VAL B 19 -7.46 27.11 -13.80
N LEU B 20 -7.33 26.34 -12.72
CA LEU B 20 -8.49 25.94 -11.91
C LEU B 20 -8.38 26.58 -10.52
N LYS B 21 -9.52 26.80 -9.88
CA LYS B 21 -9.52 27.41 -8.55
C LYS B 21 -10.28 26.58 -7.52
N GLY B 22 -9.75 26.51 -6.31
CA GLY B 22 -10.42 25.74 -5.27
C GLY B 22 -11.30 26.68 -4.45
N THR B 23 -12.13 26.13 -3.57
CA THR B 23 -12.98 26.98 -2.74
C THR B 23 -12.10 27.62 -1.67
N LEU B 24 -10.92 27.01 -1.47
CA LEU B 24 -9.93 27.50 -0.51
C LEU B 24 -8.58 27.03 -1.04
N GLY B 25 -7.51 27.74 -0.69
CA GLY B 25 -6.20 27.34 -1.14
C GLY B 25 -5.70 27.93 -2.45
N GLN B 26 -4.64 27.32 -2.98
CA GLN B 26 -4.03 27.77 -4.23
C GLN B 26 -4.73 27.35 -5.50
N ASP B 27 -4.58 28.16 -6.55
CA ASP B 27 -5.15 27.88 -7.86
C ASP B 27 -4.15 26.98 -8.55
N VAL B 28 -4.61 26.16 -9.48
CA VAL B 28 -3.71 25.26 -10.20
C VAL B 28 -3.84 25.34 -11.71
N ILE B 29 -2.90 24.71 -12.39
CA ILE B 29 -2.86 24.67 -13.84
C ILE B 29 -3.31 23.29 -14.31
N ASP B 30 -4.18 23.28 -15.30
CA ASP B 30 -4.67 22.01 -15.83
C ASP B 30 -3.62 21.45 -16.80
N ILE B 31 -3.42 20.14 -16.77
CA ILE B 31 -2.47 19.50 -17.67
C ILE B 31 -2.84 18.05 -17.95
N ARG B 32 -4.10 17.70 -17.67
CA ARG B 32 -4.56 16.34 -17.88
C ARG B 32 -4.28 15.79 -19.29
N THR B 33 -4.64 16.57 -20.30
CA THR B 33 -4.46 16.17 -21.69
C THR B 33 -3.08 16.35 -22.30
N LEU B 34 -2.18 17.05 -21.62
CA LEU B 34 -0.84 17.24 -22.16
C LEU B 34 -0.24 15.98 -22.73
N GLY B 35 -0.21 14.92 -21.93
CA GLY B 35 0.34 13.65 -22.39
C GLY B 35 -0.26 13.26 -23.73
N SER B 36 -1.57 13.52 -23.88
CA SER B 36 -2.26 13.20 -25.12
C SER B 36 -1.70 14.05 -26.26
N LYS B 37 -0.60 14.75 -25.98
CA LYS B 37 0.08 15.58 -26.95
C LYS B 37 1.58 15.39 -26.78
N GLY B 38 1.98 14.19 -26.36
CA GLY B 38 3.39 13.86 -26.17
C GLY B 38 4.16 14.77 -25.23
N VAL B 39 3.45 15.63 -24.50
CA VAL B 39 4.10 16.53 -23.55
C VAL B 39 3.86 16.09 -22.11
N PHE B 40 4.95 15.70 -21.43
CA PHE B 40 4.87 15.25 -20.04
C PHE B 40 5.77 16.06 -19.12
N THR B 41 5.36 16.25 -17.88
CA THR B 41 6.16 16.99 -16.92
C THR B 41 6.96 15.95 -16.12
N PHE B 42 8.07 16.39 -15.54
CA PHE B 42 8.91 15.52 -14.73
C PHE B 42 8.87 16.14 -13.33
N ASP B 43 8.62 15.33 -12.31
CA ASP B 43 8.55 15.88 -10.95
C ASP B 43 8.61 14.85 -9.82
N PRO B 44 9.75 14.16 -9.69
CA PRO B 44 9.84 13.18 -8.60
C PRO B 44 9.66 13.98 -7.32
N GLY B 45 8.95 13.42 -6.34
CA GLY B 45 8.73 14.17 -5.11
C GLY B 45 7.37 14.84 -5.07
N PHE B 46 6.77 15.04 -6.24
CA PHE B 46 5.44 15.66 -6.35
C PHE B 46 5.42 17.04 -5.68
N THR B 47 6.46 17.81 -5.96
CA THR B 47 6.61 19.15 -5.40
C THR B 47 5.73 20.20 -6.09
N SER B 48 5.18 19.85 -7.24
CA SER B 48 4.35 20.79 -8.00
C SER B 48 3.08 20.15 -8.53
N THR B 49 2.97 18.83 -8.41
CA THR B 49 1.82 18.11 -8.92
C THR B 49 0.68 17.95 -7.91
N THR B 50 -0.53 18.29 -8.36
CA THR B 50 -1.74 18.17 -7.56
C THR B 50 -2.39 16.86 -7.98
N SER B 51 -2.21 15.85 -7.14
CA SER B 51 -2.74 14.50 -7.40
C SER B 51 -4.25 14.37 -7.43
N CYS B 52 -4.96 15.14 -6.63
CA CYS B 52 -6.40 14.99 -6.63
C CYS B 52 -7.16 16.23 -6.22
N GLU B 53 -8.48 16.12 -6.35
CA GLU B 53 -9.39 17.17 -5.97
C GLU B 53 -10.13 16.53 -4.80
N SER B 54 -10.20 17.24 -3.67
CA SER B 54 -10.87 16.69 -2.49
C SER B 54 -11.70 17.75 -1.77
N LYS B 55 -12.70 17.29 -1.02
CA LYS B 55 -13.59 18.15 -0.26
C LYS B 55 -13.63 17.76 1.21
N ILE B 56 -12.79 16.81 1.59
CA ILE B 56 -12.77 16.31 2.96
C ILE B 56 -12.14 17.22 4.02
N THR B 57 -10.82 17.37 3.93
CA THR B 57 -10.09 18.17 4.89
C THR B 57 -9.29 19.27 4.23
N PHE B 58 -9.31 20.46 4.86
CA PHE B 58 -8.55 21.60 4.36
C PHE B 58 -7.50 22.03 5.38
N ILE B 59 -6.28 22.22 4.90
CA ILE B 59 -5.20 22.67 5.75
C ILE B 59 -4.54 23.88 5.09
N ASP B 60 -4.15 24.83 5.92
CA ASP B 60 -3.42 26.01 5.47
C ASP B 60 -2.22 25.99 6.42
N GLY B 61 -1.11 25.45 5.93
CA GLY B 61 0.11 25.31 6.72
C GLY B 61 0.59 26.54 7.45
N ASP B 62 0.78 27.63 6.72
CA ASP B 62 1.25 28.86 7.32
C ASP B 62 0.28 29.49 8.30
N GLU B 63 -1.00 29.26 8.08
CA GLU B 63 -2.02 29.84 8.96
C GLU B 63 -2.46 28.92 10.09
N GLY B 64 -1.96 27.69 10.08
CA GLY B 64 -2.34 26.75 11.11
C GLY B 64 -3.83 26.46 11.04
N ILE B 65 -4.36 26.36 9.84
CA ILE B 65 -5.78 26.06 9.64
C ILE B 65 -6.04 24.58 9.31
N LEU B 66 -6.98 23.98 10.05
CA LEU B 66 -7.38 22.59 9.81
C LEU B 66 -8.91 22.54 9.91
N LEU B 67 -9.55 22.13 8.82
CA LEU B 67 -11.00 22.00 8.75
C LEU B 67 -11.41 20.60 8.28
N HIS B 68 -12.55 20.11 8.77
CA HIS B 68 -13.09 18.83 8.34
C HIS B 68 -14.50 19.13 7.81
N ARG B 69 -14.67 19.04 6.49
CA ARG B 69 -15.96 19.34 5.86
C ARG B 69 -16.37 20.77 6.23
N GLY B 70 -15.39 21.66 6.32
CA GLY B 70 -15.65 23.05 6.62
C GLY B 70 -15.59 23.47 8.08
N PHE B 71 -15.66 22.52 9.01
CA PHE B 71 -15.63 22.83 10.45
C PHE B 71 -14.22 22.88 11.04
N PRO B 72 -13.94 23.89 11.88
CA PRO B 72 -12.61 24.04 12.51
C PRO B 72 -12.36 22.89 13.48
N ILE B 73 -11.17 22.28 13.39
CA ILE B 73 -10.85 21.16 14.27
C ILE B 73 -11.14 21.52 15.74
N ASP B 74 -10.76 22.72 16.15
CA ASP B 74 -10.97 23.21 17.51
C ASP B 74 -12.42 23.07 17.92
N GLN B 75 -13.31 23.45 17.02
CA GLN B 75 -14.73 23.38 17.29
C GLN B 75 -15.23 21.95 17.43
N LEU B 76 -14.76 21.07 16.55
CA LEU B 76 -15.16 19.67 16.57
C LEU B 76 -14.62 18.93 17.80
N ALA B 77 -13.35 19.17 18.14
CA ALA B 77 -12.74 18.51 19.27
C ALA B 77 -13.32 18.93 20.60
N THR B 78 -13.97 20.08 20.62
CA THR B 78 -14.56 20.59 21.85
C THR B 78 -16.05 20.34 22.01
N ASP B 79 -16.84 20.54 20.95
CA ASP B 79 -18.29 20.36 21.03
C ASP B 79 -18.90 19.16 20.31
N SER B 80 -18.07 18.18 19.95
CA SER B 80 -18.58 17.00 19.26
C SER B 80 -18.04 15.75 19.95
N ASN B 81 -18.09 14.64 19.23
CA ASN B 81 -17.55 13.39 19.72
C ASN B 81 -17.10 12.61 18.49
N TYR B 82 -16.27 11.59 18.70
CA TYR B 82 -15.74 10.82 17.57
C TYR B 82 -16.73 10.31 16.54
N LEU B 83 -17.80 9.66 16.99
CA LEU B 83 -18.79 9.14 16.05
C LEU B 83 -19.44 10.22 15.19
N GLU B 84 -19.88 11.31 15.84
CA GLU B 84 -20.49 12.40 15.10
C GLU B 84 -19.52 12.90 14.04
N VAL B 85 -18.24 12.98 14.42
CA VAL B 85 -17.20 13.43 13.51
C VAL B 85 -16.98 12.42 12.38
N CYS B 86 -17.09 11.12 12.68
CA CYS B 86 -16.94 10.11 11.63
C CYS B 86 -18.06 10.31 10.61
N TYR B 87 -19.26 10.58 11.12
CA TYR B 87 -20.42 10.79 10.25
C TYR B 87 -20.16 11.96 9.31
N ILE B 88 -19.60 13.03 9.85
CA ILE B 88 -19.29 14.22 9.07
C ILE B 88 -18.27 13.92 7.96
N LEU B 89 -17.12 13.38 8.34
CA LEU B 89 -16.09 13.05 7.36
C LEU B 89 -16.63 12.14 6.28
N LEU B 90 -17.39 11.14 6.69
CA LEU B 90 -17.96 10.18 5.77
C LEU B 90 -19.12 10.73 4.95
N ASN B 91 -20.01 11.48 5.60
CA ASN B 91 -21.20 12.01 4.92
C ASN B 91 -21.19 13.44 4.43
N GLY B 92 -20.19 14.22 4.83
CA GLY B 92 -20.08 15.60 4.38
C GLY B 92 -20.88 16.63 5.16
N GLU B 93 -21.75 16.18 6.06
CA GLU B 93 -22.57 17.09 6.85
C GLU B 93 -22.74 16.52 8.26
N LYS B 94 -23.15 17.38 9.18
CA LYS B 94 -23.38 16.96 10.55
C LYS B 94 -24.72 16.21 10.50
N PRO B 95 -24.87 15.17 11.32
CA PRO B 95 -26.10 14.38 11.33
C PRO B 95 -27.27 14.97 12.12
N THR B 96 -28.44 14.40 11.87
CA THR B 96 -29.66 14.76 12.57
C THR B 96 -29.66 13.74 13.69
N GLN B 97 -30.44 13.96 14.73
CA GLN B 97 -30.50 13.01 15.84
C GLN B 97 -30.85 11.65 15.27
N GLU B 98 -31.69 11.63 14.23
CA GLU B 98 -32.11 10.39 13.58
C GLU B 98 -30.99 9.75 12.76
N GLN B 99 -30.32 10.54 11.95
CA GLN B 99 -29.22 10.02 11.14
C GLN B 99 -28.10 9.53 12.04
N TYR B 100 -27.84 10.28 13.10
CA TYR B 100 -26.80 9.94 14.05
C TYR B 100 -27.14 8.64 14.78
N ASP B 101 -28.35 8.55 15.32
CA ASP B 101 -28.74 7.33 16.02
C ASP B 101 -28.73 6.12 15.10
N GLU B 102 -29.04 6.34 13.82
CA GLU B 102 -29.04 5.23 12.86
C GLU B 102 -27.60 4.78 12.65
N PHE B 103 -26.72 5.75 12.42
CA PHE B 103 -25.30 5.52 12.22
C PHE B 103 -24.67 4.81 13.43
N LYS B 104 -24.92 5.36 14.62
CA LYS B 104 -24.41 4.79 15.85
C LYS B 104 -24.87 3.35 16.03
N THR B 105 -26.12 3.08 15.68
CA THR B 105 -26.69 1.75 15.80
C THR B 105 -25.98 0.74 14.91
N THR B 106 -25.69 1.13 13.68
CA THR B 106 -25.00 0.27 12.72
C THR B 106 -23.56 -0.04 13.19
N VAL B 107 -22.89 0.95 13.72
CA VAL B 107 -21.53 0.77 14.19
C VAL B 107 -21.40 -0.23 15.33
N THR B 108 -22.20 -0.05 16.38
CA THR B 108 -22.13 -0.94 17.54
C THR B 108 -22.51 -2.39 17.27
N ARG B 109 -23.28 -2.64 16.22
CA ARG B 109 -23.71 -4.01 15.94
C ARG B 109 -22.74 -4.80 15.07
N HIS B 110 -21.59 -4.23 14.76
CA HIS B 110 -20.58 -4.93 13.95
C HIS B 110 -19.23 -4.89 14.65
N THR B 111 -19.24 -4.47 15.91
CA THR B 111 -18.02 -4.34 16.70
C THR B 111 -17.30 -5.65 17.06
N MET B 112 -18.03 -6.76 17.08
CA MET B 112 -17.41 -8.03 17.45
C MET B 112 -16.58 -8.62 16.31
N ILE B 113 -15.43 -9.22 16.64
CA ILE B 113 -14.59 -9.84 15.61
C ILE B 113 -14.85 -11.36 15.56
N HIS B 114 -14.84 -11.92 14.34
CA HIS B 114 -15.06 -13.35 14.10
C HIS B 114 -14.14 -14.15 15.02
N GLU B 115 -14.66 -15.22 15.58
CA GLU B 115 -13.87 -16.07 16.47
C GLU B 115 -12.64 -16.69 15.83
N GLN B 116 -12.71 -17.02 14.54
CA GLN B 116 -11.58 -17.62 13.86
C GLN B 116 -10.40 -16.67 13.86
N ILE B 117 -10.69 -15.38 13.76
CA ILE B 117 -9.62 -14.38 13.77
C ILE B 117 -8.90 -14.37 15.11
N THR B 118 -9.62 -14.69 16.18
CA THR B 118 -9.00 -14.73 17.50
C THR B 118 -7.88 -15.77 17.53
N ARG B 119 -8.05 -16.84 16.76
CA ARG B 119 -7.04 -17.89 16.66
C ARG B 119 -5.81 -17.35 15.97
N LEU B 120 -6.02 -16.46 15.00
CA LEU B 120 -4.90 -15.87 14.28
C LEU B 120 -4.05 -15.04 15.25
N PHE B 121 -4.71 -14.33 16.16
CA PHE B 121 -4.01 -13.52 17.17
C PHE B 121 -3.03 -14.39 17.96
N HIS B 122 -3.49 -15.57 18.38
CA HIS B 122 -2.66 -16.47 19.17
C HIS B 122 -1.52 -17.15 18.45
N ALA B 123 -1.41 -16.94 17.14
CA ALA B 123 -0.33 -17.54 16.36
C ALA B 123 0.85 -16.58 16.31
N PHE B 124 0.60 -15.31 16.59
CA PHE B 124 1.67 -14.31 16.60
C PHE B 124 2.52 -14.51 17.85
N ARG B 125 3.79 -14.15 17.78
CA ARG B 125 4.68 -14.30 18.94
C ARG B 125 4.21 -13.37 20.06
N ARG B 126 4.32 -13.82 21.30
CA ARG B 126 3.91 -13.01 22.45
C ARG B 126 4.69 -11.68 22.54
N ASP B 127 5.92 -11.68 22.07
CA ASP B 127 6.73 -10.47 22.10
C ASP B 127 6.58 -9.60 20.84
N SER B 128 5.61 -9.92 19.99
CA SER B 128 5.36 -9.15 18.76
C SER B 128 5.00 -7.70 19.11
N HIS B 129 5.47 -6.74 18.31
CA HIS B 129 5.16 -5.34 18.55
C HIS B 129 3.68 -5.16 18.20
N PRO B 130 2.89 -4.53 19.10
CA PRO B 130 1.45 -4.32 18.85
C PRO B 130 1.11 -3.84 17.43
N MET B 131 1.89 -2.91 16.89
CA MET B 131 1.65 -2.37 15.55
C MET B 131 1.85 -3.43 14.45
N ALA B 132 2.80 -4.32 14.65
CA ALA B 132 3.05 -5.37 13.68
C ALA B 132 1.87 -6.34 13.66
N VAL B 133 1.35 -6.67 14.84
CA VAL B 133 0.19 -7.55 14.94
C VAL B 133 -1.01 -6.87 14.29
N MET B 134 -1.13 -5.56 14.52
CA MET B 134 -2.23 -4.77 13.96
C MET B 134 -2.19 -4.84 12.43
N CYS B 135 -0.98 -4.76 11.86
CA CYS B 135 -0.79 -4.88 10.41
C CYS B 135 -1.11 -6.30 9.99
N GLY B 136 -0.62 -7.25 10.78
CA GLY B 136 -0.85 -8.65 10.51
C GLY B 136 -2.32 -8.98 10.46
N ILE B 137 -3.09 -8.51 11.45
CA ILE B 137 -4.52 -8.79 11.49
C ILE B 137 -5.32 -8.06 10.39
N THR B 138 -5.17 -6.74 10.28
CA THR B 138 -5.92 -6.01 9.26
C THR B 138 -5.73 -6.55 7.83
N GLY B 139 -4.49 -6.86 7.47
CA GLY B 139 -4.23 -7.36 6.13
C GLY B 139 -4.78 -8.76 5.92
N ALA B 140 -5.20 -9.41 6.99
CA ALA B 140 -5.74 -10.76 6.93
C ALA B 140 -7.25 -10.77 6.89
N LEU B 141 -7.87 -9.60 7.06
CA LEU B 141 -9.32 -9.51 7.09
C LEU B 141 -10.02 -9.93 5.82
N ALA B 142 -9.43 -9.63 4.66
CA ALA B 142 -10.04 -9.97 3.38
C ALA B 142 -10.28 -11.47 3.21
N ALA B 143 -9.50 -12.29 3.89
CA ALA B 143 -9.63 -13.75 3.82
C ALA B 143 -10.92 -14.24 4.49
N PHE B 144 -11.39 -13.49 5.48
CA PHE B 144 -12.61 -13.83 6.21
C PHE B 144 -13.84 -13.10 5.71
N TYR B 145 -13.90 -11.80 6.00
CA TYR B 145 -15.03 -10.97 5.59
C TYR B 145 -14.96 -10.82 4.08
N HIS B 146 -14.97 -11.95 3.39
CA HIS B 146 -14.88 -11.99 1.93
C HIS B 146 -16.13 -11.54 1.15
N ASP B 147 -17.21 -11.21 1.84
CA ASP B 147 -18.44 -10.77 1.18
C ASP B 147 -18.51 -9.26 0.92
N SER B 148 -17.39 -8.56 1.11
CA SER B 148 -17.34 -7.12 0.89
C SER B 148 -15.98 -6.69 0.36
N LEU B 149 -15.57 -7.25 -0.78
CA LEU B 149 -14.28 -6.94 -1.36
C LEU B 149 -14.42 -6.38 -2.79
N ASP B 150 -15.66 -6.25 -3.25
CA ASP B 150 -15.97 -5.71 -4.58
C ASP B 150 -16.01 -4.19 -4.45
N VAL B 151 -14.85 -3.58 -4.64
CA VAL B 151 -14.65 -2.14 -4.51
C VAL B 151 -15.47 -1.22 -5.43
N ASN B 152 -16.03 -1.79 -6.50
CA ASN B 152 -16.84 -1.01 -7.43
C ASN B 152 -18.33 -1.17 -7.16
N ASN B 153 -18.67 -2.04 -6.21
CA ASN B 153 -20.06 -2.29 -5.83
C ASN B 153 -20.37 -1.47 -4.57
N PRO B 154 -21.08 -0.34 -4.72
CA PRO B 154 -21.45 0.53 -3.61
C PRO B 154 -21.97 -0.16 -2.34
N ARG B 155 -22.58 -1.33 -2.48
CA ARG B 155 -23.09 -2.03 -1.30
C ARG B 155 -21.91 -2.60 -0.52
N HIS B 156 -20.95 -3.17 -1.24
CA HIS B 156 -19.76 -3.76 -0.62
C HIS B 156 -18.89 -2.72 0.05
N ARG B 157 -18.79 -1.55 -0.56
CA ARG B 157 -17.98 -0.46 -0.02
C ARG B 157 -18.53 0.11 1.28
N GLU B 158 -19.85 0.26 1.40
CA GLU B 158 -20.40 0.78 2.65
C GLU B 158 -20.25 -0.27 3.75
N ILE B 159 -20.51 -1.53 3.39
CA ILE B 159 -20.39 -2.62 4.36
C ILE B 159 -18.95 -2.76 4.86
N ALA B 160 -17.98 -2.54 3.98
CA ALA B 160 -16.57 -2.64 4.36
C ALA B 160 -16.20 -1.46 5.26
N ALA B 161 -16.58 -0.26 4.83
CA ALA B 161 -16.29 0.95 5.59
C ALA B 161 -16.85 0.85 6.99
N PHE B 162 -18.04 0.27 7.13
CA PHE B 162 -18.66 0.13 8.44
C PHE B 162 -17.96 -0.94 9.27
N ARG B 163 -17.59 -2.04 8.63
CA ARG B 163 -16.88 -3.10 9.34
C ARG B 163 -15.58 -2.57 9.95
N LEU B 164 -14.84 -1.78 9.18
CA LEU B 164 -13.57 -1.22 9.65
C LEU B 164 -13.78 -0.25 10.79
N LEU B 165 -14.79 0.61 10.65
CA LEU B 165 -15.09 1.59 11.67
C LEU B 165 -15.48 0.90 12.97
N SER B 166 -16.20 -0.21 12.84
CA SER B 166 -16.64 -0.96 14.02
C SER B 166 -15.58 -1.80 14.71
N LYS B 167 -14.80 -2.52 13.89
CA LYS B 167 -13.79 -3.45 14.41
C LYS B 167 -12.41 -2.94 14.81
N MET B 168 -11.92 -1.85 14.21
CA MET B 168 -10.60 -1.33 14.55
C MET B 168 -10.35 -1.18 16.05
N PRO B 169 -11.31 -0.58 16.79
CA PRO B 169 -11.13 -0.41 18.24
C PRO B 169 -11.00 -1.77 18.92
N THR B 170 -11.78 -2.72 18.41
CA THR B 170 -11.78 -4.07 18.94
C THR B 170 -10.42 -4.72 18.72
N MET B 171 -9.92 -4.64 17.48
CA MET B 171 -8.64 -5.24 17.18
C MET B 171 -7.49 -4.55 17.91
N ALA B 172 -7.58 -3.24 18.03
CA ALA B 172 -6.53 -2.46 18.71
C ALA B 172 -6.39 -2.86 20.18
N ALA B 173 -7.51 -3.02 20.86
CA ALA B 173 -7.49 -3.41 22.27
C ALA B 173 -6.90 -4.81 22.42
N MET B 174 -7.30 -5.72 21.53
CA MET B 174 -6.79 -7.09 21.56
C MET B 174 -5.28 -7.13 21.33
N CYS B 175 -4.76 -6.18 20.56
CA CYS B 175 -3.31 -6.13 20.32
C CYS B 175 -2.62 -5.84 21.65
N TYR B 176 -3.21 -4.94 22.43
CA TYR B 176 -2.65 -4.59 23.73
C TYR B 176 -2.71 -5.78 24.67
N LYS B 177 -3.93 -6.27 24.92
CA LYS B 177 -4.14 -7.42 25.81
C LYS B 177 -3.17 -8.57 25.53
N TYR B 178 -3.13 -8.99 24.27
CA TYR B 178 -2.26 -10.08 23.86
C TYR B 178 -0.80 -9.83 24.25
N SER B 179 -0.33 -8.59 24.08
CA SER B 179 1.06 -8.26 24.41
C SER B 179 1.35 -8.34 25.91
N ILE B 180 0.32 -8.20 26.74
CA ILE B 180 0.51 -8.27 28.18
C ILE B 180 -0.02 -9.57 28.78
N GLY B 181 -0.58 -10.43 27.95
CA GLY B 181 -1.07 -11.70 28.46
C GLY B 181 -2.33 -11.68 29.29
N GLN B 182 -3.22 -10.71 29.05
CA GLN B 182 -4.50 -10.66 29.75
C GLN B 182 -5.54 -11.07 28.73
N PRO B 183 -6.67 -11.67 29.17
CA PRO B 183 -7.71 -12.10 28.23
C PRO B 183 -8.36 -10.96 27.44
N PHE B 184 -8.77 -11.28 26.21
CA PHE B 184 -9.44 -10.29 25.36
C PHE B 184 -10.79 -9.91 25.97
N VAL B 185 -11.22 -8.67 25.75
CA VAL B 185 -12.48 -8.17 26.28
C VAL B 185 -13.43 -7.89 25.10
N TYR B 186 -14.70 -8.26 25.26
CA TYR B 186 -15.67 -8.05 24.20
C TYR B 186 -16.27 -6.64 24.21
N PRO B 187 -16.75 -6.16 23.05
CA PRO B 187 -17.34 -4.82 23.03
C PRO B 187 -18.53 -4.77 24.00
N ARG B 188 -18.88 -3.55 24.40
CA ARG B 188 -19.99 -3.27 25.31
C ARG B 188 -20.94 -2.31 24.60
N ASN B 189 -22.00 -2.88 24.03
CA ASN B 189 -22.99 -2.10 23.29
C ASN B 189 -23.53 -0.89 24.04
N ASP B 190 -23.51 -0.94 25.37
CA ASP B 190 -23.99 0.17 26.19
C ASP B 190 -22.95 1.27 26.46
N LEU B 191 -21.69 1.00 26.16
CA LEU B 191 -20.66 2.00 26.38
C LEU B 191 -20.43 2.84 25.14
N SER B 192 -19.90 4.05 25.34
CA SER B 192 -19.61 4.93 24.21
C SER B 192 -18.39 4.37 23.49
N TYR B 193 -18.09 4.93 22.31
CA TYR B 193 -16.95 4.49 21.53
C TYR B 193 -15.67 4.53 22.38
N ALA B 194 -15.36 5.70 22.92
CA ALA B 194 -14.16 5.89 23.73
C ALA B 194 -14.19 5.10 25.05
N GLY B 195 -15.36 5.03 25.68
CA GLY B 195 -15.48 4.29 26.93
C GLY B 195 -15.35 2.80 26.67
N ASN B 196 -15.88 2.34 25.55
CA ASN B 196 -15.81 0.94 25.18
C ASN B 196 -14.37 0.52 24.95
N PHE B 197 -13.60 1.39 24.31
CA PHE B 197 -12.19 1.12 24.01
C PHE B 197 -11.31 1.12 25.27
N LEU B 198 -11.63 1.97 26.23
CA LEU B 198 -10.88 2.00 27.48
C LEU B 198 -11.17 0.73 28.26
N ASN B 199 -12.42 0.28 28.20
CA ASN B 199 -12.82 -0.94 28.89
C ASN B 199 -12.16 -2.16 28.25
N MET B 200 -12.10 -2.19 26.91
CA MET B 200 -11.48 -3.31 26.22
C MET B 200 -9.97 -3.31 26.44
N MET B 201 -9.42 -2.14 26.76
CA MET B 201 -7.99 -2.02 27.02
C MET B 201 -7.64 -2.45 28.46
N PHE B 202 -8.37 -1.92 29.42
CA PHE B 202 -8.05 -2.15 30.82
C PHE B 202 -8.95 -2.99 31.73
N SER B 203 -10.15 -3.32 31.31
CA SER B 203 -10.99 -4.14 32.18
C SER B 203 -10.39 -5.54 32.32
N THR B 204 -10.87 -6.28 33.32
CA THR B 204 -10.40 -7.62 33.62
C THR B 204 -11.55 -8.38 34.28
N PRO B 205 -11.57 -9.71 34.18
CA PRO B 205 -12.66 -10.47 34.83
C PRO B 205 -12.63 -10.34 36.35
N CYS B 206 -11.46 -10.07 36.92
CA CYS B 206 -11.27 -9.95 38.36
C CYS B 206 -12.28 -9.05 39.04
N GLU B 207 -12.62 -7.94 38.38
CA GLU B 207 -13.60 -7.02 38.94
C GLU B 207 -14.17 -6.11 37.86
N PRO B 208 -15.19 -5.33 38.20
CA PRO B 208 -15.79 -4.42 37.23
C PRO B 208 -14.88 -3.21 37.00
N TYR B 209 -14.91 -2.67 35.79
CA TYR B 209 -14.09 -1.53 35.44
C TYR B 209 -14.95 -0.26 35.41
N GLU B 210 -14.46 0.80 36.02
CA GLU B 210 -15.21 2.05 36.03
C GLU B 210 -14.57 3.05 35.08
N VAL B 211 -15.32 3.44 34.06
CA VAL B 211 -14.82 4.38 33.05
C VAL B 211 -14.83 5.80 33.59
N ASN B 212 -13.65 6.32 33.92
CA ASN B 212 -13.56 7.69 34.43
C ASN B 212 -14.07 8.65 33.36
N PRO B 213 -14.98 9.57 33.73
CA PRO B 213 -15.57 10.56 32.83
C PRO B 213 -14.57 11.46 32.15
N ILE B 214 -13.57 11.91 32.90
CA ILE B 214 -12.54 12.79 32.37
C ILE B 214 -11.61 12.03 31.43
N LEU B 215 -11.35 10.77 31.74
CA LEU B 215 -10.49 9.98 30.90
C LEU B 215 -11.26 9.60 29.63
N GLU B 216 -12.56 9.36 29.79
CA GLU B 216 -13.42 8.99 28.67
C GLU B 216 -13.42 10.13 27.65
N ARG B 217 -13.47 11.36 28.15
CA ARG B 217 -13.47 12.54 27.29
C ARG B 217 -12.08 12.79 26.70
N ALA B 218 -11.03 12.57 27.49
CA ALA B 218 -9.67 12.79 26.99
C ALA B 218 -9.40 11.88 25.79
N MET B 219 -9.76 10.60 25.91
CA MET B 219 -9.56 9.65 24.83
C MET B 219 -10.37 10.03 23.57
N ASP B 220 -11.65 10.35 23.75
CA ASP B 220 -12.49 10.73 22.61
C ASP B 220 -11.87 11.91 21.85
N ARG B 221 -11.31 12.86 22.60
CA ARG B 221 -10.67 14.02 21.99
C ARG B 221 -9.42 13.61 21.21
N ILE B 222 -8.62 12.71 21.77
CA ILE B 222 -7.42 12.22 21.09
C ILE B 222 -7.86 11.62 19.76
N LEU B 223 -8.96 10.87 19.80
CA LEU B 223 -9.50 10.23 18.60
C LEU B 223 -9.89 11.30 17.60
N ILE B 224 -10.66 12.28 18.07
CA ILE B 224 -11.12 13.40 17.24
C ILE B 224 -9.94 14.11 16.57
N LEU B 225 -8.90 14.39 17.35
CA LEU B 225 -7.73 15.09 16.84
C LEU B 225 -6.85 14.30 15.87
N HIS B 226 -7.12 13.00 15.73
CA HIS B 226 -6.36 12.18 14.79
C HIS B 226 -7.26 11.56 13.72
N ALA B 227 -8.52 12.00 13.66
CA ALA B 227 -9.47 11.47 12.68
C ALA B 227 -9.01 11.54 11.22
N ASP B 228 -8.40 12.67 10.85
CA ASP B 228 -7.91 12.81 9.48
C ASP B 228 -6.92 13.93 9.36
N HIS B 229 -6.03 13.81 8.37
CA HIS B 229 -5.08 14.86 8.15
C HIS B 229 -4.78 15.19 6.68
N GLU B 230 -5.82 15.27 5.85
CA GLU B 230 -5.61 15.63 4.46
C GLU B 230 -4.64 14.69 3.71
N GLN B 231 -4.15 15.14 2.57
CA GLN B 231 -3.23 14.37 1.72
C GLN B 231 -1.82 14.03 2.24
N ASN B 232 -1.69 13.30 3.34
CA ASN B 232 -0.35 12.95 3.83
C ASN B 232 0.13 11.64 3.22
N ALA B 233 1.33 11.20 3.61
CA ALA B 233 1.92 9.98 3.07
C ALA B 233 1.07 8.72 3.24
N SER B 234 0.60 8.47 4.46
CA SER B 234 -0.20 7.27 4.68
C SER B 234 -1.49 7.31 3.86
N THR B 235 -2.12 8.48 3.79
CA THR B 235 -3.35 8.64 3.01
C THR B 235 -3.04 8.44 1.51
N SER B 236 -1.85 8.88 1.10
CA SER B 236 -1.42 8.71 -0.29
C SER B 236 -1.31 7.23 -0.60
N THR B 237 -0.78 6.44 0.34
CA THR B 237 -0.65 5.01 0.13
C THR B 237 -2.02 4.36 -0.03
N VAL B 238 -2.95 4.71 0.87
CA VAL B 238 -4.31 4.18 0.84
C VAL B 238 -4.95 4.46 -0.54
N ARG B 239 -4.94 5.72 -0.94
CA ARG B 239 -5.52 6.14 -2.22
C ARG B 239 -4.84 5.45 -3.40
N THR B 240 -3.52 5.33 -3.36
CA THR B 240 -2.80 4.71 -4.45
C THR B 240 -3.07 3.21 -4.53
N ALA B 241 -3.15 2.55 -3.38
CA ALA B 241 -3.43 1.13 -3.36
C ALA B 241 -4.87 0.94 -3.84
N GLY B 242 -5.75 1.82 -3.38
CA GLY B 242 -7.15 1.72 -3.76
C GLY B 242 -7.41 1.95 -5.24
N SER B 243 -6.54 2.67 -5.91
CA SER B 243 -6.74 2.95 -7.33
C SER B 243 -6.64 1.68 -8.15
N SER B 244 -5.80 0.75 -7.70
CA SER B 244 -5.61 -0.52 -8.40
C SER B 244 -6.77 -1.48 -8.22
N GLY B 245 -7.67 -1.15 -7.29
CA GLY B 245 -8.81 -1.99 -7.04
C GLY B 245 -8.62 -2.91 -5.86
N ALA B 246 -7.52 -2.73 -5.12
CA ALA B 246 -7.25 -3.57 -3.95
C ALA B 246 -8.41 -3.49 -2.97
N ASN B 247 -8.69 -4.59 -2.27
CA ASN B 247 -9.82 -4.61 -1.34
C ASN B 247 -9.62 -3.61 -0.21
N PRO B 248 -10.72 -3.14 0.39
CA PRO B 248 -10.74 -2.17 1.49
C PRO B 248 -9.77 -2.45 2.65
N PHE B 249 -9.74 -3.69 3.12
CA PHE B 249 -8.88 -4.06 4.24
C PHE B 249 -7.40 -3.96 3.87
N ALA B 250 -7.04 -4.41 2.66
CA ALA B 250 -5.66 -4.34 2.22
C ALA B 250 -5.16 -2.88 2.20
N CYS B 251 -6.03 -1.96 1.78
CA CYS B 251 -5.67 -0.55 1.71
C CYS B 251 -5.43 0.03 3.09
N ILE B 252 -6.35 -0.25 4.02
CA ILE B 252 -6.21 0.24 5.40
C ILE B 252 -4.95 -0.36 6.05
N ALA B 253 -4.66 -1.61 5.74
CA ALA B 253 -3.48 -2.24 6.29
C ALA B 253 -2.26 -1.48 5.78
N ALA B 254 -2.28 -1.15 4.48
CA ALA B 254 -1.18 -0.40 3.88
C ALA B 254 -1.05 0.97 4.59
N GLY B 255 -2.19 1.57 4.93
CA GLY B 255 -2.19 2.85 5.63
C GLY B 255 -1.55 2.73 7.01
N ILE B 256 -1.87 1.65 7.72
CA ILE B 256 -1.31 1.40 9.05
C ILE B 256 0.20 1.24 8.97
N ALA B 257 0.66 0.39 8.05
CA ALA B 257 2.09 0.14 7.91
C ALA B 257 2.81 1.42 7.54
N SER B 258 2.13 2.25 6.75
CA SER B 258 2.65 3.52 6.28
C SER B 258 2.79 4.52 7.44
N LEU B 259 1.84 4.48 8.36
CA LEU B 259 1.83 5.36 9.52
C LEU B 259 2.92 4.94 10.51
N TRP B 260 3.16 3.64 10.60
CA TRP B 260 4.19 3.09 11.48
C TRP B 260 5.56 3.41 10.89
N GLY B 261 5.63 3.31 9.56
CA GLY B 261 6.84 3.55 8.79
C GLY B 261 8.00 4.32 9.38
N PRO B 262 7.92 5.66 9.40
CA PRO B 262 9.01 6.49 9.96
C PRO B 262 9.24 6.32 11.47
N ALA B 263 9.29 5.07 11.92
CA ALA B 263 9.49 4.77 13.35
C ALA B 263 10.16 3.41 13.54
N HIS B 264 10.74 2.88 12.48
CA HIS B 264 11.40 1.57 12.53
C HIS B 264 12.90 1.62 12.80
N GLY B 265 13.54 2.71 12.38
CA GLY B 265 14.98 2.86 12.57
C GLY B 265 15.46 2.73 14.01
N GLY B 266 16.76 2.47 14.16
CA GLY B 266 17.34 2.33 15.49
C GLY B 266 17.27 3.60 16.31
N ALA B 267 17.74 4.72 15.75
CA ALA B 267 17.73 6.01 16.44
C ALA B 267 16.29 6.49 16.61
N ASN B 268 15.34 5.78 16.00
CA ASN B 268 13.93 6.13 16.10
C ASN B 268 13.43 5.80 17.50
N GLU B 269 13.57 4.54 17.92
CA GLU B 269 13.13 4.15 19.25
C GLU B 269 14.24 4.43 20.25
N ALA B 270 15.48 4.47 19.76
CA ALA B 270 16.62 4.76 20.62
C ALA B 270 16.42 6.15 21.22
N ALA B 271 15.78 7.02 20.44
CA ALA B 271 15.47 8.38 20.87
C ALA B 271 14.21 8.35 21.73
N LEU B 272 13.13 7.80 21.17
CA LEU B 272 11.87 7.69 21.89
C LEU B 272 12.04 6.62 22.95
N LYS B 273 13.28 6.45 23.39
CA LYS B 273 13.64 5.47 24.40
C LYS B 273 13.69 6.17 25.76
N MET B 274 14.64 7.08 25.91
CA MET B 274 14.83 7.83 27.14
C MET B 274 13.70 8.81 27.40
N LEU B 275 12.88 9.06 26.36
CA LEU B 275 11.75 9.98 26.46
C LEU B 275 10.78 9.52 27.55
N GLU B 276 10.84 8.23 27.84
CA GLU B 276 9.99 7.62 28.87
C GLU B 276 10.85 6.74 29.77
N GLU B 277 11.89 6.12 29.20
CA GLU B 277 12.80 5.26 29.96
C GLU B 277 13.31 5.93 31.23
N ILE B 278 13.16 7.25 31.30
CA ILE B 278 13.59 8.03 32.46
C ILE B 278 12.46 8.95 32.93
N GLY B 279 12.21 8.95 34.23
CA GLY B 279 11.16 9.79 34.78
C GLY B 279 11.68 10.59 35.96
N LYS B 280 12.40 11.65 35.64
CA LYS B 280 13.01 12.52 36.64
C LYS B 280 13.65 13.72 35.93
N LYS B 281 13.15 14.91 36.27
CA LYS B 281 13.61 16.18 35.70
C LYS B 281 15.08 16.21 35.29
N GLU B 282 15.96 16.50 36.23
CA GLU B 282 17.39 16.57 35.96
C GLU B 282 17.97 15.20 35.60
N ASN B 283 17.65 14.73 34.40
CA ASN B 283 18.16 13.43 33.96
C ASN B 283 18.05 13.28 32.44
N ILE B 284 16.84 13.30 31.89
CA ILE B 284 16.69 13.16 30.44
C ILE B 284 17.22 14.40 29.71
N PRO B 285 16.89 15.60 30.22
CA PRO B 285 17.37 16.85 29.60
C PRO B 285 18.71 17.29 30.13
N GLU B 286 18.72 17.71 31.40
CA GLU B 286 19.91 18.19 32.07
C GLU B 286 21.22 17.69 31.45
N PHE B 287 21.75 18.51 30.53
CA PHE B 287 23.02 18.28 29.84
C PHE B 287 23.15 16.84 29.37
N VAL B 288 22.02 16.33 28.88
CA VAL B 288 21.94 14.94 28.45
C VAL B 288 21.51 14.83 26.99
N ARG B 289 20.22 14.58 26.82
CA ARG B 289 19.66 14.40 25.49
C ARG B 289 19.66 15.70 24.70
N ARG B 290 20.65 16.55 24.98
CA ARG B 290 20.78 17.83 24.28
C ARG B 290 21.35 17.53 22.90
N ALA B 291 22.36 16.66 22.90
CA ALA B 291 23.03 16.25 21.67
C ALA B 291 22.99 14.73 21.60
N LYS B 292 22.54 14.10 22.69
CA LYS B 292 22.45 12.65 22.77
C LYS B 292 21.45 12.13 21.74
N ASP B 293 20.79 13.07 21.07
CA ASP B 293 19.83 12.75 20.03
C ASP B 293 20.65 12.71 18.74
N LYS B 294 20.46 11.68 17.91
CA LYS B 294 21.27 11.61 16.69
C LYS B 294 20.64 11.82 15.31
N ASN B 295 19.74 10.95 14.82
CA ASN B 295 19.25 11.24 13.48
C ASN B 295 18.04 12.18 13.47
N ASP B 296 16.85 11.65 13.79
CA ASP B 296 15.70 12.55 13.88
C ASP B 296 15.70 13.11 15.29
N SER B 297 15.45 12.17 16.21
CA SER B 297 15.40 12.36 17.65
C SER B 297 14.73 13.65 18.10
N PHE B 298 13.76 14.14 17.36
CA PHE B 298 13.07 15.36 17.77
C PHE B 298 11.65 15.18 17.33
N ARG B 299 11.56 15.08 16.00
CA ARG B 299 10.35 14.93 15.25
C ARG B 299 9.63 13.63 15.61
N LEU B 300 10.28 12.79 16.40
CA LEU B 300 9.68 11.52 16.80
C LEU B 300 9.08 11.60 18.19
N MET B 301 9.46 12.64 18.94
CA MET B 301 8.96 12.81 20.30
C MET B 301 7.78 13.79 20.38
N GLY B 302 7.38 14.35 19.25
CA GLY B 302 6.27 15.29 19.24
C GLY B 302 6.70 16.75 19.18
N PHE B 303 7.80 17.00 18.48
CA PHE B 303 8.34 18.36 18.34
C PHE B 303 8.52 18.78 16.88
N GLY B 304 7.75 19.78 16.46
CA GLY B 304 7.83 20.25 15.10
C GLY B 304 6.81 19.57 14.21
N HIS B 305 6.69 20.04 12.96
CA HIS B 305 5.77 19.45 12.00
C HIS B 305 5.94 20.11 10.64
N ARG B 306 6.13 19.30 9.60
CA ARG B 306 6.33 19.83 8.25
C ARG B 306 5.08 20.44 7.62
N VAL B 307 3.91 20.22 8.24
CA VAL B 307 2.69 20.77 7.69
C VAL B 307 2.44 22.18 8.20
N TYR B 308 2.53 22.35 9.51
CA TYR B 308 2.27 23.65 10.11
C TYR B 308 3.54 24.47 10.28
N LYS B 309 3.38 25.78 10.17
CA LYS B 309 4.51 26.70 10.27
C LYS B 309 4.86 27.14 11.70
N ASN B 310 3.88 27.65 12.42
CA ASN B 310 4.13 28.15 13.76
C ASN B 310 3.68 27.25 14.89
N TYR B 311 2.50 26.66 14.74
CA TYR B 311 1.96 25.79 15.77
C TYR B 311 1.04 24.76 15.12
N ASP B 312 0.58 23.81 15.92
CA ASP B 312 -0.33 22.75 15.47
C ASP B 312 -1.72 23.04 16.04
N PRO B 313 -2.70 23.38 15.17
CA PRO B 313 -4.05 23.68 15.64
C PRO B 313 -4.70 22.56 16.47
N ARG B 314 -4.16 21.35 16.35
CA ARG B 314 -4.69 20.21 17.08
C ARG B 314 -4.19 20.22 18.54
N ALA B 315 -2.98 20.73 18.74
CA ALA B 315 -2.36 20.76 20.05
C ALA B 315 -3.09 21.64 21.05
N THR B 316 -3.77 22.66 20.55
CA THR B 316 -4.50 23.59 21.41
C THR B 316 -5.39 22.89 22.43
N VAL B 317 -6.48 22.30 21.97
CA VAL B 317 -7.38 21.61 22.89
C VAL B 317 -6.69 20.42 23.55
N MET B 318 -5.75 19.79 22.84
CA MET B 318 -5.07 18.64 23.40
C MET B 318 -4.27 19.06 24.63
N ARG B 319 -3.72 20.28 24.60
CA ARG B 319 -2.98 20.75 25.76
C ARG B 319 -3.95 21.03 26.90
N GLU B 320 -5.13 21.56 26.57
CA GLU B 320 -6.14 21.85 27.58
C GLU B 320 -6.51 20.57 28.31
N THR B 321 -6.81 19.53 27.53
CA THR B 321 -7.20 18.23 28.06
C THR B 321 -6.11 17.62 28.94
N CYS B 322 -4.86 17.85 28.55
CA CYS B 322 -3.72 17.34 29.29
C CYS B 322 -3.81 17.75 30.76
N HIS B 323 -4.12 19.02 30.98
CA HIS B 323 -4.26 19.58 32.32
C HIS B 323 -5.35 18.81 33.08
N GLU B 324 -6.52 18.70 32.47
CA GLU B 324 -7.64 18.00 33.07
C GLU B 324 -7.27 16.58 33.53
N VAL B 325 -6.53 15.86 32.69
CA VAL B 325 -6.12 14.50 32.99
C VAL B 325 -5.11 14.42 34.14
N LEU B 326 -4.03 15.21 34.06
CA LEU B 326 -3.03 15.20 35.12
C LEU B 326 -3.73 15.62 36.40
N LYS B 327 -4.51 16.69 36.31
CA LYS B 327 -5.27 17.21 37.44
C LYS B 327 -6.08 16.05 38.04
N GLU B 328 -6.99 15.51 37.23
CA GLU B 328 -7.84 14.41 37.65
C GLU B 328 -7.09 13.24 38.31
N LEU B 329 -6.22 12.57 37.56
CA LEU B 329 -5.51 11.42 38.09
C LEU B 329 -4.65 11.73 39.32
N GLY B 330 -3.94 12.86 39.28
CA GLY B 330 -3.09 13.25 40.38
C GLY B 330 -1.95 12.29 40.71
N THR B 331 -2.31 11.13 41.26
CA THR B 331 -1.35 10.10 41.65
C THR B 331 -0.97 9.21 40.46
N LYS B 332 -1.29 9.67 39.25
CA LYS B 332 -0.99 8.92 38.04
C LYS B 332 -0.51 9.90 36.98
N ASP B 333 0.22 10.91 37.45
CA ASP B 333 0.75 11.98 36.62
C ASP B 333 1.90 12.73 37.28
N ASP B 334 1.66 13.33 38.44
CA ASP B 334 2.66 14.10 39.19
C ASP B 334 4.14 13.71 39.05
N LEU B 335 4.42 12.42 39.14
CA LEU B 335 5.79 11.89 39.01
C LEU B 335 6.31 12.44 37.68
N LEU B 336 5.37 12.40 36.74
CA LEU B 336 5.46 12.74 35.33
C LEU B 336 5.46 14.21 34.92
N GLU B 337 5.83 15.10 35.84
CA GLU B 337 5.88 16.53 35.57
C GLU B 337 7.23 16.90 34.96
N VAL B 338 7.78 15.95 34.22
CA VAL B 338 9.05 16.13 33.53
C VAL B 338 8.65 16.69 32.17
N ALA B 339 7.33 16.67 31.92
CA ALA B 339 6.78 17.18 30.67
C ALA B 339 6.92 18.70 30.59
N MET B 340 6.48 19.37 31.65
CA MET B 340 6.56 20.82 31.71
C MET B 340 7.96 21.33 31.43
N GLU B 341 8.97 20.56 31.83
CA GLU B 341 10.33 20.98 31.59
C GLU B 341 10.68 20.70 30.13
N LEU B 342 10.13 19.61 29.60
CA LEU B 342 10.38 19.27 28.21
C LEU B 342 9.72 20.35 27.37
N GLU B 343 8.49 20.69 27.72
CA GLU B 343 7.76 21.72 27.01
C GLU B 343 8.51 23.05 27.13
N ASN B 344 8.92 23.40 28.35
CA ASN B 344 9.63 24.65 28.56
C ASN B 344 10.88 24.71 27.71
N ILE B 345 11.61 23.61 27.65
CA ILE B 345 12.81 23.56 26.85
C ILE B 345 12.49 23.96 25.41
N ALA B 346 11.51 23.28 24.83
CA ALA B 346 11.07 23.54 23.45
C ALA B 346 10.59 24.98 23.20
N LEU B 347 10.17 25.67 24.27
CA LEU B 347 9.69 27.05 24.13
C LEU B 347 10.78 28.11 24.26
N ASN B 348 11.90 27.76 24.89
CA ASN B 348 12.96 28.74 25.09
C ASN B 348 14.36 28.32 24.64
N ASP B 349 14.61 27.03 24.53
CA ASP B 349 15.91 26.55 24.10
C ASP B 349 16.19 27.11 22.71
N PRO B 350 17.33 27.80 22.53
CA PRO B 350 17.69 28.38 21.23
C PRO B 350 17.73 27.36 20.11
N TYR B 351 18.01 26.11 20.49
CA TYR B 351 18.11 25.01 19.53
C TYR B 351 16.71 24.64 19.00
N PHE B 352 15.73 24.67 19.88
CA PHE B 352 14.36 24.35 19.50
C PHE B 352 13.68 25.51 18.80
N ILE B 353 13.88 26.71 19.32
CA ILE B 353 13.28 27.90 18.73
C ILE B 353 13.87 28.01 17.33
N GLU B 354 15.09 27.50 17.22
CA GLU B 354 15.82 27.50 15.96
C GLU B 354 15.15 26.58 14.93
N LYS B 355 15.03 25.30 15.30
CA LYS B 355 14.42 24.31 14.44
C LYS B 355 12.88 24.33 14.40
N LYS B 356 12.28 25.29 15.10
CA LYS B 356 10.82 25.41 15.14
C LYS B 356 10.22 24.11 15.68
N LEU B 357 10.98 23.44 16.53
CA LEU B 357 10.56 22.20 17.17
C LEU B 357 9.55 22.50 18.26
N TYR B 358 8.38 23.00 17.86
CA TYR B 358 7.32 23.31 18.82
C TYR B 358 6.56 22.03 19.19
N PRO B 359 6.04 21.96 20.42
CA PRO B 359 5.29 20.76 20.82
C PRO B 359 4.02 20.59 19.99
N ASN B 360 3.87 19.45 19.33
CA ASN B 360 2.67 19.22 18.53
C ASN B 360 1.63 18.39 19.28
N VAL B 361 0.52 18.07 18.62
CA VAL B 361 -0.56 17.31 19.25
C VAL B 361 -0.12 15.97 19.81
N ASP B 362 0.92 15.37 19.22
CA ASP B 362 1.40 14.09 19.70
C ASP B 362 2.21 14.22 20.99
N PHE B 363 2.70 15.43 21.27
CA PHE B 363 3.41 15.64 22.52
C PHE B 363 2.37 15.54 23.62
N TYR B 364 1.29 16.30 23.49
CA TYR B 364 0.22 16.30 24.48
C TYR B 364 -0.59 15.01 24.50
N SER B 365 -0.71 14.36 23.34
CA SER B 365 -1.46 13.11 23.26
C SER B 365 -0.71 12.05 24.05
N GLY B 366 0.61 11.99 23.83
CA GLY B 366 1.44 11.03 24.53
C GLY B 366 1.38 11.18 26.04
N ILE B 367 1.33 12.43 26.51
CA ILE B 367 1.27 12.67 27.95
C ILE B 367 0.00 12.08 28.54
N ILE B 368 -1.11 12.27 27.84
CA ILE B 368 -2.39 11.74 28.29
C ILE B 368 -2.37 10.22 28.28
N LEU B 369 -1.79 9.64 27.23
CA LEU B 369 -1.72 8.19 27.13
C LEU B 369 -0.75 7.62 28.16
N LYS B 370 0.36 8.32 28.39
CA LYS B 370 1.32 7.87 29.39
C LYS B 370 0.71 7.99 30.78
N ALA B 371 -0.27 8.88 30.90
CA ALA B 371 -0.95 9.10 32.18
C ALA B 371 -2.08 8.10 32.41
N MET B 372 -2.72 7.65 31.33
CA MET B 372 -3.81 6.69 31.46
C MET B 372 -3.25 5.28 31.69
N GLY B 373 -1.93 5.15 31.56
CA GLY B 373 -1.31 3.85 31.76
C GLY B 373 -1.17 3.06 30.46
N ILE B 374 -0.99 3.78 29.36
CA ILE B 374 -0.85 3.15 28.05
C ILE B 374 0.63 3.14 27.66
N PRO B 375 1.15 1.97 27.23
CA PRO B 375 2.55 1.79 26.83
C PRO B 375 2.83 2.51 25.52
N SER B 376 4.06 2.99 25.36
CA SER B 376 4.43 3.71 24.15
C SER B 376 4.31 2.86 22.90
N SER B 377 4.20 1.55 23.08
CA SER B 377 4.07 0.66 21.93
C SER B 377 2.62 0.52 21.47
N MET B 378 1.76 1.41 21.96
CA MET B 378 0.33 1.43 21.59
C MET B 378 -0.07 2.78 21.02
N PHE B 379 0.78 3.78 21.21
CA PHE B 379 0.50 5.12 20.74
C PHE B 379 0.11 5.21 19.26
N THR B 380 0.93 4.66 18.36
CA THR B 380 0.61 4.72 16.93
C THR B 380 -0.52 3.78 16.55
N VAL B 381 -0.75 2.73 17.34
CA VAL B 381 -1.86 1.81 17.05
C VAL B 381 -3.14 2.59 17.29
N ILE B 382 -3.15 3.40 18.35
CA ILE B 382 -4.30 4.23 18.70
C ILE B 382 -4.51 5.34 17.65
N PHE B 383 -3.41 5.96 17.23
CA PHE B 383 -3.47 7.01 16.22
C PHE B 383 -4.02 6.45 14.92
N ALA B 384 -3.57 5.26 14.54
CA ALA B 384 -4.02 4.63 13.31
C ALA B 384 -5.49 4.23 13.43
N MET B 385 -5.87 3.75 14.60
CA MET B 385 -7.23 3.34 14.86
C MET B 385 -8.17 4.51 14.58
N ALA B 386 -7.81 5.68 15.10
CA ALA B 386 -8.61 6.90 14.92
C ALA B 386 -8.59 7.42 13.48
N ARG B 387 -7.43 7.29 12.82
CA ARG B 387 -7.23 7.76 11.44
C ARG B 387 -7.95 6.94 10.37
N THR B 388 -8.38 5.74 10.73
CA THR B 388 -9.05 4.86 9.76
C THR B 388 -10.29 5.49 9.13
N VAL B 389 -11.12 6.18 9.91
CA VAL B 389 -12.30 6.81 9.34
C VAL B 389 -11.88 7.78 8.26
N GLY B 390 -10.76 8.47 8.50
CA GLY B 390 -10.25 9.40 7.52
C GLY B 390 -9.74 8.64 6.31
N TRP B 391 -9.02 7.54 6.56
CA TRP B 391 -8.53 6.74 5.44
C TRP B 391 -9.70 6.24 4.61
N ILE B 392 -10.75 5.84 5.30
CA ILE B 392 -11.96 5.33 4.66
C ILE B 392 -12.64 6.40 3.80
N ALA B 393 -12.74 7.62 4.33
CA ALA B 393 -13.38 8.70 3.59
C ALA B 393 -12.63 9.01 2.30
N HIS B 394 -11.30 9.09 2.40
CA HIS B 394 -10.44 9.38 1.26
C HIS B 394 -10.51 8.28 0.22
N TRP B 395 -10.53 7.03 0.69
CA TRP B 395 -10.63 5.88 -0.19
C TRP B 395 -11.94 5.99 -0.99
N SER B 396 -13.04 6.25 -0.28
CA SER B 396 -14.34 6.39 -0.91
C SER B 396 -14.34 7.49 -1.94
N GLU B 397 -13.87 8.67 -1.54
CA GLU B 397 -13.84 9.82 -2.44
C GLU B 397 -13.15 9.45 -3.74
N MET B 398 -11.93 8.94 -3.64
CA MET B 398 -11.17 8.51 -4.80
C MET B 398 -12.05 7.60 -5.67
N HIS B 399 -12.85 6.75 -5.03
CA HIS B 399 -13.73 5.84 -5.73
C HIS B 399 -14.96 6.57 -6.28
N SER B 400 -15.21 7.76 -5.76
CA SER B 400 -16.34 8.54 -6.25
C SER B 400 -15.85 9.22 -7.52
N ASP B 401 -14.55 9.50 -7.59
CA ASP B 401 -13.94 10.11 -8.75
C ASP B 401 -13.73 9.03 -9.80
N GLY B 402 -14.30 7.86 -9.54
CA GLY B 402 -14.18 6.75 -10.46
C GLY B 402 -12.89 5.97 -10.30
N MET B 403 -12.57 5.57 -9.08
CA MET B 403 -11.36 4.79 -8.81
C MET B 403 -10.16 5.32 -9.60
N LYS B 404 -9.79 6.57 -9.33
CA LYS B 404 -8.66 7.24 -9.97
C LYS B 404 -7.39 6.35 -9.96
N ILE B 405 -7.17 5.63 -11.07
CA ILE B 405 -6.03 4.72 -11.23
C ILE B 405 -4.67 5.44 -11.20
N ALA B 406 -4.04 5.47 -10.02
CA ALA B 406 -2.73 6.13 -9.85
C ALA B 406 -1.57 5.31 -10.39
N ARG B 407 -1.26 5.51 -11.67
CA ARG B 407 -0.15 4.82 -12.36
C ARG B 407 0.76 5.83 -13.08
N PRO B 408 1.62 6.54 -12.33
CA PRO B 408 2.56 7.54 -12.88
C PRO B 408 3.48 6.96 -13.97
N ARG B 409 4.23 7.80 -14.67
CA ARG B 409 5.14 7.22 -15.66
C ARG B 409 6.57 7.48 -15.23
N GLN B 410 7.50 6.95 -16.01
CA GLN B 410 8.91 7.09 -15.68
C GLN B 410 9.77 7.72 -16.76
N LEU B 411 10.94 8.19 -16.36
CA LEU B 411 11.92 8.73 -17.29
C LEU B 411 12.98 7.66 -17.22
N TYR B 412 13.17 6.96 -18.32
CA TYR B 412 14.13 5.87 -18.36
C TYR B 412 15.53 6.33 -18.70
N THR B 413 16.48 6.01 -17.82
CA THR B 413 17.86 6.40 -18.03
C THR B 413 18.80 5.20 -17.92
N GLY B 414 18.26 4.00 -18.09
CA GLY B 414 19.08 2.80 -18.03
C GLY B 414 19.62 2.44 -19.40
N TYR B 415 20.25 1.27 -19.49
CA TYR B 415 20.81 0.81 -20.75
C TYR B 415 19.84 0.85 -21.93
N GLU B 416 20.39 0.99 -23.14
CA GLU B 416 19.60 0.96 -24.36
C GLU B 416 19.61 -0.55 -24.63
N LYS B 417 18.77 -1.05 -25.53
CA LYS B 417 18.78 -2.48 -25.82
C LYS B 417 20.20 -2.98 -26.02
N ARG B 418 20.49 -4.15 -25.46
CA ARG B 418 21.80 -4.79 -25.59
C ARG B 418 21.58 -6.30 -25.59
N ASP B 419 22.42 -7.03 -26.30
CA ASP B 419 22.30 -8.48 -26.38
C ASP B 419 22.64 -9.19 -25.08
N PHE B 420 21.92 -10.28 -24.80
CA PHE B 420 22.17 -11.05 -23.60
C PHE B 420 23.00 -12.28 -23.92
N LYS B 421 24.20 -12.33 -23.34
CA LYS B 421 25.11 -13.45 -23.54
C LYS B 421 25.51 -14.06 -22.19
N SER B 422 24.97 -15.23 -21.89
CA SER B 422 25.27 -15.93 -20.65
C SER B 422 26.24 -17.08 -20.89
N ASP B 423 27.42 -16.99 -20.29
CA ASP B 423 28.42 -18.04 -20.45
C ASP B 423 28.51 -18.89 -19.19
N ILE B 424 27.82 -18.45 -18.13
CA ILE B 424 27.82 -19.14 -16.84
C ILE B 424 26.92 -20.38 -16.81
N LYS B 425 26.76 -20.92 -15.61
CA LYS B 425 25.90 -22.08 -15.40
C LYS B 425 25.14 -21.96 -14.07
N ARG B 426 24.75 -23.06 -13.43
CA ARG B 426 23.96 -22.92 -12.20
C ARG B 426 24.40 -23.55 -10.88
O1 OAA C . -0.10 -3.10 -17.17
O2 OAA C . 2.12 -3.04 -17.04
O4 OAA C . 1.41 -7.03 -14.36
O5 OAA C . 1.66 -8.41 -16.08
O3 OAA C . 0.61 -6.29 -17.63
C1 OAA C . 1.01 -3.54 -16.78
C2 OAA C . 0.98 -4.73 -15.81
C3 OAA C . 1.01 -6.12 -16.48
C4 OAA C . 1.40 -7.29 -15.59
S SO4 D . 15.78 -16.06 8.10
O1 SO4 D . 15.06 -16.08 9.43
O2 SO4 D . 15.24 -14.96 7.24
O3 SO4 D . 17.21 -15.73 8.37
O4 SO4 D . 15.64 -17.42 7.50
S SO4 E . -19.44 20.56 -1.35
O1 SO4 E . -20.41 19.66 -0.62
O2 SO4 E . -19.81 21.99 -1.13
O3 SO4 E . -18.08 20.36 -0.74
O4 SO4 E . -19.40 20.17 -2.78
S SO4 F . 23.29 2.75 -16.55
O1 SO4 F . 21.92 2.28 -16.14
O2 SO4 F . 23.29 3.27 -17.95
O3 SO4 F . 23.64 3.89 -15.63
O4 SO4 F . 24.23 1.60 -16.34
O1 OAA G . 2.84 14.71 8.48
O2 OAA G . 1.09 15.55 7.38
O4 OAA G . -1.15 13.08 11.75
O5 OAA G . -0.89 11.70 10.05
O3 OAA G . 0.87 14.59 10.73
C1 OAA G . 1.64 14.70 8.11
C2 OAA G . 0.78 13.52 8.58
C3 OAA G . 0.38 13.72 10.05
C4 OAA G . -0.65 12.75 10.66
S SO4 H . -20.15 -8.72 10.53
O1 SO4 H . -21.56 -8.40 10.92
O2 SO4 H . -19.24 -7.66 10.97
O3 SO4 H . -19.77 -9.96 11.28
O4 SO4 H . -20.13 -8.95 9.07
#